data_1CZD
#
_entry.id   1CZD
#
_cell.length_a   66.177
_cell.length_b   93.938
_cell.length_c   141.820
_cell.angle_alpha   90.00
_cell.angle_beta   90.00
_cell.angle_gamma   90.00
#
_symmetry.space_group_name_H-M   'P 21 21 21'
#
_entity_poly.entity_id   1
_entity_poly.type   'polypeptide(L)'
_entity_poly.pdbx_seq_one_letter_code
;MKLSKDTTALLKNFATINSGIMLKSGQFIMTRAVNGTTYAEANISDVIDFDVAIYDLNGFLGILSLVNDDAEISQSEDGN
IKIADARSTIFWPAADPSTVVAPNKPIPFPVASAVTEIKAEDLQQLLRVSRGLQIDTIAITVKEGKIVINGFNKVEDSAL
TRVKYSLTLGDYDGENTFNFIINMANMKMQPGNYKLLLWAKGKQGAAKFEGEHANYVVALEADSTHDF
;
_entity_poly.pdbx_strand_id   A,B,C
#
# COMPACT_ATOMS: atom_id res chain seq x y z
N MET A 1 -10.60 25.55 21.63
CA MET A 1 -10.20 24.22 22.14
C MET A 1 -9.06 23.66 21.28
N LYS A 2 -8.34 22.71 21.84
CA LYS A 2 -7.24 22.09 21.13
C LYS A 2 -7.37 20.60 21.33
N LEU A 3 -6.89 19.81 20.38
CA LEU A 3 -6.99 18.37 20.48
C LEU A 3 -5.60 17.70 20.46
N SER A 4 -5.22 17.13 21.59
CA SER A 4 -3.94 16.45 21.69
C SER A 4 -3.96 15.21 20.81
N LYS A 5 -2.80 14.58 20.67
CA LYS A 5 -2.67 13.39 19.84
C LYS A 5 -3.50 12.24 20.36
N ASP A 6 -3.52 12.06 21.68
CA ASP A 6 -4.27 10.98 22.30
C ASP A 6 -5.75 11.11 21.98
N THR A 7 -6.27 12.32 22.11
CA THR A 7 -7.67 12.56 21.83
C THR A 7 -8.04 12.30 20.37
N THR A 8 -7.20 12.71 19.43
CA THR A 8 -7.48 12.45 18.01
C THR A 8 -7.32 10.96 17.70
N ALA A 9 -6.43 10.29 18.42
CA ALA A 9 -6.24 8.86 18.20
C ALA A 9 -7.50 8.12 18.69
N LEU A 10 -8.15 8.66 19.73
CA LEU A 10 -9.37 8.04 20.25
C LEU A 10 -10.47 8.32 19.23
N LEU A 11 -10.55 9.55 18.77
CA LEU A 11 -11.55 9.93 17.80
C LEU A 11 -11.42 9.11 16.51
N LYS A 12 -10.19 8.82 16.10
CA LYS A 12 -9.97 8.04 14.90
C LYS A 12 -10.59 6.65 15.07
N ASN A 13 -10.50 6.13 16.29
CA ASN A 13 -11.09 4.84 16.59
C ASN A 13 -12.62 4.90 16.60
N PHE A 14 -13.17 5.94 17.20
CA PHE A 14 -14.63 6.09 17.26
C PHE A 14 -15.16 6.24 15.86
N ALA A 15 -14.28 6.72 14.98
CA ALA A 15 -14.59 6.91 13.58
C ALA A 15 -14.84 5.56 12.90
N THR A 16 -14.31 4.47 13.43
CA THR A 16 -14.55 3.16 12.81
C THR A 16 -15.87 2.58 13.29
N ILE A 17 -16.42 3.12 14.37
CA ILE A 17 -17.71 2.65 14.92
C ILE A 17 -18.88 3.37 14.24
N ASN A 18 -18.73 4.66 14.00
CA ASN A 18 -19.73 5.52 13.34
C ASN A 18 -18.87 6.56 12.60
N SER A 19 -19.11 6.76 11.31
CA SER A 19 -18.31 7.71 10.53
C SER A 19 -18.50 9.16 11.00
N GLY A 20 -19.59 9.41 11.71
CA GLY A 20 -19.87 10.75 12.20
C GLY A 20 -19.89 10.78 13.71
N ILE A 21 -19.95 11.97 14.28
CA ILE A 21 -19.98 12.09 15.73
C ILE A 21 -20.61 13.40 16.18
N MET A 22 -21.17 13.36 17.38
CA MET A 22 -21.78 14.53 17.99
C MET A 22 -20.92 14.89 19.20
N LEU A 23 -20.16 15.98 19.12
CA LEU A 23 -19.31 16.45 20.22
C LEU A 23 -20.08 17.46 21.05
N LYS A 24 -19.98 17.35 22.37
CA LYS A 24 -20.68 18.26 23.28
C LYS A 24 -19.70 18.86 24.27
N SER A 25 -19.88 20.14 24.60
CA SER A 25 -18.98 20.83 25.52
C SER A 25 -18.64 19.99 26.76
N GLY A 26 -17.35 19.90 27.09
CA GLY A 26 -16.91 19.13 28.23
C GLY A 26 -15.72 18.25 27.88
N GLN A 27 -15.43 17.26 28.73
CA GLN A 27 -14.29 16.36 28.50
C GLN A 27 -14.72 14.91 28.35
N PHE A 28 -15.87 14.72 27.71
CA PHE A 28 -16.43 13.40 27.52
C PHE A 28 -16.87 13.23 26.06
N ILE A 29 -16.52 12.11 25.46
CA ILE A 29 -16.96 11.88 24.09
C ILE A 29 -17.65 10.53 24.07
N MET A 30 -18.54 10.33 23.11
CA MET A 30 -19.23 9.05 23.03
C MET A 30 -19.84 8.84 21.65
N THR A 31 -20.02 7.59 21.26
CA THR A 31 -20.58 7.31 19.95
C THR A 31 -21.17 5.92 19.94
N ARG A 32 -21.92 5.60 18.91
CA ARG A 32 -22.53 4.29 18.78
C ARG A 32 -22.74 4.01 17.29
N ALA A 33 -22.71 2.73 16.93
CA ALA A 33 -22.92 2.33 15.55
C ALA A 33 -24.34 2.71 15.17
N VAL A 34 -24.53 3.03 13.89
CA VAL A 34 -25.83 3.40 13.38
C VAL A 34 -26.89 2.38 13.79
N ASN A 35 -26.47 1.12 13.93
CA ASN A 35 -27.39 0.06 14.32
C ASN A 35 -27.41 -0.31 15.79
N GLY A 36 -26.79 0.52 16.63
CA GLY A 36 -26.79 0.26 18.07
C GLY A 36 -26.23 -1.05 18.60
N THR A 37 -25.37 -1.72 17.84
CA THR A 37 -24.79 -2.97 18.31
C THR A 37 -23.56 -2.71 19.17
N THR A 38 -22.93 -1.57 18.92
CA THR A 38 -21.72 -1.20 19.65
C THR A 38 -21.73 0.27 20.07
N TYR A 39 -21.33 0.52 21.32
CA TYR A 39 -21.29 1.87 21.87
C TYR A 39 -19.90 2.09 22.48
N ALA A 40 -19.43 3.33 22.53
CA ALA A 40 -18.13 3.62 23.11
C ALA A 40 -18.13 5.00 23.79
N GLU A 41 -17.36 5.14 24.86
CA GLU A 41 -17.29 6.40 25.59
C GLU A 41 -15.90 6.65 26.15
N ALA A 42 -15.57 7.90 26.43
CA ALA A 42 -14.26 8.21 26.98
C ALA A 42 -14.15 9.61 27.54
N ASN A 43 -13.35 9.74 28.59
CA ASN A 43 -13.08 11.03 29.19
C ASN A 43 -11.75 11.39 28.55
N ILE A 44 -11.62 12.64 28.10
CA ILE A 44 -10.38 13.04 27.45
C ILE A 44 -9.69 14.14 28.24
N SER A 45 -8.41 14.35 27.94
CA SER A 45 -7.62 15.36 28.63
C SER A 45 -7.90 16.73 28.05
N ASP A 46 -8.33 16.76 26.79
CA ASP A 46 -8.65 18.02 26.13
C ASP A 46 -10.06 18.42 26.54
N VAL A 47 -10.42 19.68 26.30
CA VAL A 47 -11.76 20.14 26.63
C VAL A 47 -12.44 20.73 25.40
N ILE A 48 -13.63 20.22 25.10
CA ILE A 48 -14.40 20.68 23.97
C ILE A 48 -15.17 21.88 24.49
N ASP A 49 -15.11 23.01 23.78
CA ASP A 49 -15.80 24.19 24.26
C ASP A 49 -17.03 24.67 23.51
N PHE A 50 -17.59 23.80 22.67
CA PHE A 50 -18.82 24.12 21.96
C PHE A 50 -19.42 22.85 21.36
N ASP A 51 -20.73 22.85 21.19
CA ASP A 51 -21.44 21.71 20.65
C ASP A 51 -21.48 21.73 19.13
N VAL A 52 -20.95 20.69 18.51
CA VAL A 52 -20.91 20.60 17.05
C VAL A 52 -21.03 19.15 16.55
N ALA A 53 -21.69 18.99 15.40
CA ALA A 53 -21.86 17.68 14.79
C ALA A 53 -20.97 17.60 13.54
N ILE A 54 -20.08 16.62 13.53
CA ILE A 54 -19.16 16.41 12.41
C ILE A 54 -19.61 15.16 11.67
N TYR A 55 -20.08 15.34 10.43
CA TYR A 55 -20.56 14.23 9.60
C TYR A 55 -19.46 13.27 9.14
N ASP A 56 -18.32 13.81 8.71
CA ASP A 56 -17.20 12.98 8.30
C ASP A 56 -16.05 13.16 9.29
N LEU A 57 -16.09 12.38 10.37
CA LEU A 57 -15.07 12.47 11.41
C LEU A 57 -13.65 12.17 10.97
N ASN A 58 -13.45 11.06 10.25
CA ASN A 58 -12.10 10.72 9.79
C ASN A 58 -11.56 11.81 8.86
N GLY A 59 -12.44 12.40 8.05
CA GLY A 59 -12.01 13.47 7.18
C GLY A 59 -11.51 14.65 8.02
N PHE A 60 -12.33 15.06 8.99
CA PHE A 60 -11.99 16.16 9.91
C PHE A 60 -10.61 15.89 10.54
N LEU A 61 -10.45 14.70 11.09
CA LEU A 61 -9.20 14.33 11.74
C LEU A 61 -8.00 14.36 10.80
N GLY A 62 -8.22 14.03 9.54
CA GLY A 62 -7.13 14.06 8.58
C GLY A 62 -6.70 15.51 8.36
N ILE A 63 -7.69 16.40 8.26
CA ILE A 63 -7.44 17.81 8.05
C ILE A 63 -6.70 18.44 9.24
N LEU A 64 -6.83 17.84 10.42
CA LEU A 64 -6.14 18.33 11.61
C LEU A 64 -4.69 17.91 11.63
N SER A 65 -4.33 16.91 10.82
CA SER A 65 -2.96 16.46 10.79
C SER A 65 -2.12 17.35 9.86
N LEU A 66 -2.79 18.26 9.16
CA LEU A 66 -2.09 19.13 8.24
C LEU A 66 -1.78 20.47 8.89
N VAL A 67 -2.27 20.63 10.11
CA VAL A 67 -2.07 21.85 10.86
C VAL A 67 -1.13 21.60 12.04
N ASN A 68 -0.66 22.67 12.67
CA ASN A 68 0.25 22.51 13.81
C ASN A 68 -0.46 21.85 14.97
N ASP A 69 0.28 21.52 16.01
CA ASP A 69 -0.30 20.88 17.17
C ASP A 69 -1.08 21.90 17.99
N ASP A 70 -0.54 23.11 18.06
CA ASP A 70 -1.15 24.18 18.82
C ASP A 70 -2.25 24.90 18.04
N ALA A 71 -2.76 24.25 16.99
CA ALA A 71 -3.83 24.86 16.20
C ALA A 71 -5.01 25.11 17.12
N GLU A 72 -5.69 26.23 16.92
CA GLU A 72 -6.84 26.58 17.75
C GLU A 72 -8.14 26.37 17.01
N ILE A 73 -8.88 25.33 17.39
CA ILE A 73 -10.14 25.06 16.74
C ILE A 73 -11.27 25.73 17.52
N SER A 74 -12.22 26.31 16.78
CA SER A 74 -13.35 27.02 17.38
C SER A 74 -14.52 27.05 16.41
N GLN A 75 -15.63 27.66 16.83
CA GLN A 75 -16.81 27.74 15.99
C GLN A 75 -16.78 28.94 15.05
N SER A 76 -16.78 28.66 13.77
CA SER A 76 -16.75 29.68 12.74
C SER A 76 -17.92 30.65 12.86
N GLU A 77 -17.74 31.84 12.32
CA GLU A 77 -18.77 32.87 12.37
C GLU A 77 -20.11 32.34 11.87
N ASP A 78 -20.12 31.74 10.68
CA ASP A 78 -21.32 31.18 10.07
C ASP A 78 -21.89 29.92 10.74
N GLY A 79 -21.23 29.44 11.79
CA GLY A 79 -21.71 28.26 12.48
C GLY A 79 -20.89 26.99 12.25
N ASN A 80 -19.83 27.09 11.46
CA ASN A 80 -19.00 25.94 11.20
C ASN A 80 -17.80 25.83 12.13
N ILE A 81 -16.83 25.02 11.76
CA ILE A 81 -15.64 24.83 12.56
C ILE A 81 -14.51 25.59 11.92
N LYS A 82 -13.75 26.31 12.72
CA LYS A 82 -12.62 27.09 12.23
C LYS A 82 -11.34 26.57 12.85
N ILE A 83 -10.38 26.18 12.01
CA ILE A 83 -9.10 25.69 12.50
C ILE A 83 -8.08 26.77 12.15
N ALA A 84 -7.55 27.42 13.19
CA ALA A 84 -6.60 28.50 13.00
C ALA A 84 -5.16 28.07 13.20
N ASP A 85 -4.39 28.08 12.13
CA ASP A 85 -2.99 27.71 12.19
C ASP A 85 -2.19 29.00 12.35
N ALA A 86 -0.88 28.86 12.48
CA ALA A 86 0.00 30.02 12.64
C ALA A 86 -0.25 31.07 11.54
N ARG A 87 -0.24 30.62 10.29
CA ARG A 87 -0.46 31.54 9.16
C ARG A 87 -1.56 31.10 8.21
N SER A 88 -2.35 30.09 8.60
CA SER A 88 -3.43 29.61 7.73
C SER A 88 -4.69 29.27 8.50
N THR A 89 -5.81 29.28 7.79
CA THR A 89 -7.09 28.99 8.40
C THR A 89 -7.89 27.99 7.56
N ILE A 90 -8.41 26.96 8.23
CA ILE A 90 -9.21 25.94 7.56
C ILE A 90 -10.61 25.96 8.14
N PHE A 91 -11.60 25.88 7.25
CA PHE A 91 -12.99 25.85 7.69
C PHE A 91 -13.56 24.48 7.34
N TRP A 92 -14.16 23.83 8.33
CA TRP A 92 -14.74 22.51 8.14
C TRP A 92 -16.24 22.60 8.41
N PRO A 93 -17.04 22.00 7.51
CA PRO A 93 -18.48 22.05 7.70
C PRO A 93 -18.90 21.40 9.01
N ALA A 94 -19.98 21.93 9.58
CA ALA A 94 -20.57 21.39 10.80
C ALA A 94 -21.86 20.86 10.18
N ALA A 95 -22.30 19.67 10.58
CA ALA A 95 -23.50 19.09 10.02
C ALA A 95 -24.73 19.29 10.89
N ASP A 96 -25.90 19.18 10.28
CA ASP A 96 -27.12 19.30 11.04
C ASP A 96 -27.07 18.00 11.84
N PRO A 97 -27.36 18.06 13.15
CA PRO A 97 -27.32 16.87 14.03
C PRO A 97 -28.27 15.75 13.60
N SER A 98 -29.25 16.07 12.78
CA SER A 98 -30.19 15.05 12.33
C SER A 98 -29.52 14.08 11.36
N THR A 99 -28.34 14.44 10.84
CA THR A 99 -27.66 13.55 9.90
C THR A 99 -26.64 12.66 10.56
N VAL A 100 -26.54 12.76 11.88
CA VAL A 100 -25.61 11.97 12.65
C VAL A 100 -26.27 11.21 13.79
N VAL A 101 -26.28 9.89 13.69
CA VAL A 101 -26.87 9.07 14.73
C VAL A 101 -25.95 9.12 15.94
N ALA A 102 -26.49 9.55 17.07
CA ALA A 102 -25.70 9.65 18.31
C ALA A 102 -26.44 8.99 19.47
N PRO A 103 -25.70 8.57 20.49
CA PRO A 103 -26.33 7.93 21.66
C PRO A 103 -26.95 8.86 22.68
N ASN A 104 -27.87 8.30 23.48
CA ASN A 104 -28.55 9.05 24.54
C ASN A 104 -27.61 9.25 25.74
N LYS A 105 -28.07 9.98 26.75
CA LYS A 105 -27.23 10.23 27.92
C LYS A 105 -26.72 8.94 28.56
N PRO A 106 -25.45 8.92 28.98
CA PRO A 106 -24.79 7.77 29.61
C PRO A 106 -25.50 7.30 30.88
N ILE A 107 -25.71 5.99 30.98
CA ILE A 107 -26.34 5.37 32.14
C ILE A 107 -25.37 4.32 32.69
N PRO A 108 -25.11 4.33 34.01
CA PRO A 108 -24.20 3.37 34.62
C PRO A 108 -24.48 1.95 34.15
N PHE A 109 -23.42 1.19 33.88
CA PHE A 109 -23.54 -0.19 33.44
C PHE A 109 -24.02 -0.99 34.64
N PRO A 110 -24.87 -2.00 34.40
CA PRO A 110 -25.34 -2.80 35.54
C PRO A 110 -24.21 -3.50 36.30
N VAL A 111 -24.67 -4.26 37.33
CA VAL A 111 -23.66 -5.03 38.04
C VAL A 111 -23.31 -6.31 37.29
N ALA A 112 -22.06 -6.61 37.13
CA ALA A 112 -21.61 -7.71 36.29
C ALA A 112 -22.10 -9.06 36.83
N SER A 113 -22.60 -9.93 35.73
CA SER A 113 -22.87 -11.34 35.95
C SER A 113 -21.55 -12.07 36.12
N ALA A 114 -20.58 -11.75 35.27
CA ALA A 114 -19.26 -12.38 35.34
C ALA A 114 -18.17 -11.39 34.96
N VAL A 115 -16.99 -11.58 35.53
CA VAL A 115 -15.86 -10.68 35.27
C VAL A 115 -14.58 -11.42 34.90
N THR A 116 -13.87 -10.88 33.91
CA THR A 116 -12.60 -11.45 33.46
C THR A 116 -11.83 -10.37 32.71
N GLU A 117 -10.78 -10.75 32.00
CA GLU A 117 -10.02 -9.75 31.27
C GLU A 117 -9.28 -10.28 30.06
N ILE A 118 -9.00 -9.38 29.13
CA ILE A 118 -8.27 -9.74 27.92
C ILE A 118 -7.07 -8.80 27.74
N LYS A 119 -5.91 -9.37 27.41
CA LYS A 119 -4.69 -8.60 27.23
C LYS A 119 -4.54 -8.12 25.78
N ALA A 120 -3.86 -6.99 25.60
CA ALA A 120 -3.67 -6.43 24.27
C ALA A 120 -3.22 -7.42 23.20
N GLU A 121 -2.25 -8.26 23.52
CA GLU A 121 -1.73 -9.22 22.55
C GLU A 121 -2.77 -10.28 22.17
N ASP A 122 -3.69 -10.56 23.09
CA ASP A 122 -4.73 -11.53 22.85
C ASP A 122 -5.88 -10.91 22.05
N LEU A 123 -6.25 -9.68 22.38
CA LEU A 123 -7.31 -9.03 21.64
C LEU A 123 -6.80 -8.91 20.21
N GLN A 124 -5.52 -8.59 20.09
CA GLN A 124 -4.88 -8.47 18.79
C GLN A 124 -4.94 -9.78 18.02
N GLN A 125 -4.57 -10.87 18.67
CA GLN A 125 -4.61 -12.18 18.02
C GLN A 125 -6.03 -12.57 17.64
N LEU A 126 -6.99 -12.29 18.52
CA LEU A 126 -8.39 -12.63 18.26
C LEU A 126 -8.85 -11.95 16.97
N LEU A 127 -8.61 -10.65 16.90
CA LEU A 127 -8.97 -9.83 15.75
C LEU A 127 -8.23 -10.24 14.47
N ARG A 128 -6.94 -10.48 14.59
CA ARG A 128 -6.12 -10.85 13.42
C ARG A 128 -6.54 -12.20 12.83
N VAL A 129 -6.78 -13.16 13.72
CA VAL A 129 -7.17 -14.50 13.32
C VAL A 129 -8.53 -14.57 12.65
N SER A 130 -9.49 -13.78 13.14
CA SER A 130 -10.83 -13.79 12.56
C SER A 130 -10.84 -13.56 11.06
N ARG A 131 -9.90 -12.74 10.57
CA ARG A 131 -9.81 -12.47 9.15
C ARG A 131 -9.50 -13.79 8.41
N GLY A 132 -8.32 -14.34 8.68
CA GLY A 132 -7.90 -15.57 8.03
C GLY A 132 -8.75 -16.81 8.28
N LEU A 133 -9.39 -16.88 9.45
CA LEU A 133 -10.21 -18.05 9.76
C LEU A 133 -11.68 -17.84 9.41
N GLN A 134 -12.00 -16.70 8.82
CA GLN A 134 -13.38 -16.41 8.44
C GLN A 134 -14.30 -16.51 9.66
N ILE A 135 -13.78 -16.16 10.83
CA ILE A 135 -14.55 -16.18 12.06
C ILE A 135 -15.36 -14.89 12.10
N ASP A 136 -16.68 -15.02 12.20
CA ASP A 136 -17.55 -13.85 12.24
C ASP A 136 -18.33 -13.75 13.54
N THR A 137 -18.17 -14.74 14.40
CA THR A 137 -18.84 -14.76 15.70
C THR A 137 -18.06 -15.56 16.76
N ILE A 138 -18.00 -15.02 17.98
CA ILE A 138 -17.31 -15.69 19.07
C ILE A 138 -18.29 -15.92 20.24
N ALA A 139 -17.95 -16.85 21.12
CA ALA A 139 -18.77 -17.16 22.29
C ALA A 139 -17.89 -17.25 23.53
N ILE A 140 -18.26 -16.51 24.57
CA ILE A 140 -17.52 -16.50 25.82
C ILE A 140 -18.28 -17.45 26.73
N THR A 141 -17.62 -18.55 27.10
CA THR A 141 -18.22 -19.58 27.93
C THR A 141 -17.20 -20.15 28.93
N VAL A 142 -17.55 -21.27 29.55
CA VAL A 142 -16.66 -21.92 30.52
C VAL A 142 -16.31 -23.36 30.15
N LYS A 143 -15.01 -23.68 30.18
CA LYS A 143 -14.54 -25.01 29.87
C LYS A 143 -13.46 -25.41 30.86
N GLU A 144 -13.71 -26.52 31.56
CA GLU A 144 -12.76 -27.01 32.56
C GLU A 144 -12.44 -25.95 33.60
N GLY A 145 -13.44 -25.17 33.98
CA GLY A 145 -13.25 -24.14 34.99
C GLY A 145 -12.45 -22.90 34.62
N LYS A 146 -12.45 -22.52 33.34
CA LYS A 146 -11.72 -21.35 32.87
C LYS A 146 -12.52 -20.59 31.82
N ILE A 147 -12.55 -19.26 31.88
CA ILE A 147 -13.28 -18.50 30.87
C ILE A 147 -12.51 -18.65 29.56
N VAL A 148 -13.21 -18.94 28.48
CA VAL A 148 -12.55 -19.09 27.19
C VAL A 148 -13.42 -18.47 26.11
N ILE A 149 -12.79 -18.07 25.02
CA ILE A 149 -13.51 -17.49 23.90
C ILE A 149 -13.34 -18.44 22.72
N ASN A 150 -14.46 -18.93 22.19
CA ASN A 150 -14.40 -19.83 21.05
C ASN A 150 -14.84 -19.06 19.80
N GLY A 151 -14.20 -19.33 18.67
CA GLY A 151 -14.54 -18.65 17.43
C GLY A 151 -15.16 -19.58 16.39
N PHE A 152 -16.20 -19.09 15.72
CA PHE A 152 -16.89 -19.89 14.72
C PHE A 152 -17.11 -19.14 13.44
N ASN A 153 -17.35 -19.89 12.38
CA ASN A 153 -17.65 -19.34 11.07
C ASN A 153 -19.12 -19.67 10.86
N LYS A 154 -19.99 -18.80 11.39
CA LYS A 154 -21.43 -18.98 11.34
C LYS A 154 -22.03 -19.27 9.97
N VAL A 155 -21.62 -18.53 8.95
CA VAL A 155 -22.17 -18.76 7.61
C VAL A 155 -22.22 -20.24 7.24
N GLU A 156 -21.37 -21.05 7.85
CA GLU A 156 -21.38 -22.47 7.55
C GLU A 156 -21.17 -23.35 8.77
N ASP A 157 -21.35 -23.21 9.87
CA ASP A 157 -21.89 -23.78 11.09
C ASP A 157 -22.87 -22.83 11.73
N SER A 158 -24.12 -22.92 11.52
CA SER A 158 -25.20 -22.24 12.21
C SER A 158 -25.37 -22.53 13.70
N ALA A 159 -25.09 -23.77 14.11
CA ALA A 159 -25.27 -24.12 15.51
C ALA A 159 -24.05 -23.78 16.36
N LEU A 160 -22.99 -23.28 15.71
CA LEU A 160 -21.77 -22.94 16.42
C LEU A 160 -21.31 -24.21 17.11
N THR A 161 -20.94 -25.20 16.31
CA THR A 161 -20.52 -26.48 16.87
C THR A 161 -19.04 -26.76 16.59
N ARG A 162 -18.52 -26.21 15.50
CA ARG A 162 -17.14 -26.41 15.13
C ARG A 162 -16.23 -25.25 15.49
N VAL A 163 -15.60 -25.32 16.66
CA VAL A 163 -14.71 -24.25 17.10
C VAL A 163 -13.47 -24.27 16.21
N LYS A 164 -13.13 -23.12 15.65
CA LYS A 164 -11.96 -22.98 14.76
C LYS A 164 -10.81 -22.30 15.49
N TYR A 165 -11.15 -21.56 16.55
CA TYR A 165 -10.18 -20.83 17.34
C TYR A 165 -10.60 -20.82 18.81
N SER A 166 -9.65 -20.98 19.72
CA SER A 166 -9.97 -20.98 21.14
C SER A 166 -8.91 -20.23 21.96
N LEU A 167 -9.39 -19.35 22.84
CA LEU A 167 -8.52 -18.55 23.67
C LEU A 167 -8.91 -18.60 25.15
N THR A 168 -7.94 -18.92 26.01
CA THR A 168 -8.19 -19.00 27.45
C THR A 168 -7.94 -17.66 28.12
N LEU A 169 -8.91 -17.18 28.91
CA LEU A 169 -8.80 -15.88 29.58
C LEU A 169 -8.47 -15.92 31.07
N GLY A 170 -8.38 -17.12 31.63
CA GLY A 170 -8.09 -17.22 33.05
C GLY A 170 -9.13 -18.09 33.73
N ASP A 171 -9.03 -18.25 35.04
CA ASP A 171 -9.97 -19.08 35.75
C ASP A 171 -11.25 -18.39 36.19
N TYR A 172 -12.34 -19.14 36.18
CA TYR A 172 -13.66 -18.67 36.57
C TYR A 172 -13.94 -19.26 37.95
N ASP A 173 -14.10 -18.40 38.95
CA ASP A 173 -14.35 -18.87 40.31
C ASP A 173 -15.83 -18.86 40.68
N GLY A 174 -16.68 -18.52 39.71
CA GLY A 174 -18.10 -18.46 39.95
C GLY A 174 -18.77 -19.79 40.26
N GLU A 175 -19.92 -20.02 39.61
CA GLU A 175 -20.68 -21.24 39.79
C GLU A 175 -21.79 -21.33 38.73
N ASN A 176 -21.98 -20.22 38.02
CA ASN A 176 -22.99 -20.14 36.97
C ASN A 176 -22.52 -20.77 35.66
N THR A 177 -23.41 -20.77 34.68
CA THR A 177 -23.15 -21.32 33.35
C THR A 177 -23.58 -20.28 32.31
N PHE A 178 -22.86 -20.21 31.20
CA PHE A 178 -23.20 -19.26 30.16
C PHE A 178 -22.41 -19.49 28.90
N ASN A 179 -22.93 -18.96 27.81
CA ASN A 179 -22.29 -19.04 26.51
C ASN A 179 -22.77 -17.79 25.81
N PHE A 180 -22.12 -16.66 26.11
CA PHE A 180 -22.46 -15.37 25.53
C PHE A 180 -21.86 -15.28 24.13
N ILE A 181 -22.72 -15.08 23.14
CA ILE A 181 -22.33 -14.99 21.75
C ILE A 181 -22.21 -13.53 21.27
N ILE A 182 -21.07 -13.18 20.70
CA ILE A 182 -20.83 -11.82 20.20
C ILE A 182 -20.56 -11.81 18.68
N ASN A 183 -21.00 -10.76 18.01
CA ASN A 183 -20.77 -10.65 16.57
C ASN A 183 -19.44 -9.96 16.36
N MET A 184 -18.49 -10.69 15.81
CA MET A 184 -17.15 -10.14 15.59
C MET A 184 -17.10 -8.77 14.93
N ALA A 185 -18.06 -8.46 14.06
CA ALA A 185 -18.05 -7.17 13.38
C ALA A 185 -18.26 -6.02 14.35
N ASN A 186 -18.69 -6.35 15.57
CA ASN A 186 -18.95 -5.35 16.61
C ASN A 186 -17.74 -5.10 17.51
N MET A 187 -16.71 -5.92 17.41
CA MET A 187 -15.51 -5.73 18.24
C MET A 187 -14.61 -4.65 17.64
N LYS A 188 -14.90 -3.39 17.97
CA LYS A 188 -14.15 -2.26 17.44
C LYS A 188 -13.28 -1.55 18.48
N MET A 189 -13.04 -2.18 19.63
CA MET A 189 -12.23 -1.51 20.65
C MET A 189 -10.83 -1.25 20.12
N GLN A 190 -10.26 -0.10 20.50
CA GLN A 190 -8.91 0.20 20.05
C GLN A 190 -7.98 -0.80 20.75
N PRO A 191 -6.83 -1.10 20.14
CA PRO A 191 -5.92 -2.06 20.77
C PRO A 191 -5.51 -1.66 22.18
N GLY A 192 -5.35 -2.65 23.05
CA GLY A 192 -4.98 -2.37 24.42
C GLY A 192 -5.56 -3.41 25.36
N ASN A 193 -5.30 -3.27 26.65
CA ASN A 193 -5.82 -4.21 27.65
C ASN A 193 -7.24 -3.86 28.05
N TYR A 194 -8.02 -4.87 28.41
CA TYR A 194 -9.39 -4.66 28.84
C TYR A 194 -9.92 -5.58 29.91
N LYS A 195 -10.65 -5.00 30.84
CA LYS A 195 -11.31 -5.72 31.90
C LYS A 195 -12.62 -6.07 31.18
N LEU A 196 -13.05 -7.31 31.25
CA LEU A 196 -14.27 -7.74 30.58
C LEU A 196 -15.41 -7.95 31.57
N LEU A 197 -16.44 -7.12 31.48
CA LEU A 197 -17.60 -7.21 32.36
C LEU A 197 -18.79 -7.77 31.60
N LEU A 198 -19.17 -9.01 31.92
CA LEU A 198 -20.29 -9.67 31.27
C LEU A 198 -21.59 -9.51 32.03
N TRP A 199 -22.64 -9.09 31.35
CA TRP A 199 -23.93 -8.91 31.99
C TRP A 199 -25.11 -9.50 31.22
N ALA A 200 -25.95 -10.24 31.93
CA ALA A 200 -27.14 -10.84 31.34
C ALA A 200 -28.28 -10.97 32.35
N LYS A 201 -29.51 -10.79 31.86
CA LYS A 201 -30.72 -10.92 32.67
C LYS A 201 -31.84 -11.33 31.74
N GLY A 202 -32.28 -12.59 31.88
CA GLY A 202 -33.33 -13.08 31.01
C GLY A 202 -32.79 -13.15 29.60
N LYS A 203 -33.39 -12.37 28.69
CA LYS A 203 -32.98 -12.36 27.30
C LYS A 203 -32.18 -11.11 26.98
N GLN A 204 -31.83 -10.37 28.02
CA GLN A 204 -31.04 -9.15 27.88
C GLN A 204 -29.58 -9.51 28.14
N GLY A 205 -28.68 -8.91 27.37
CA GLY A 205 -27.26 -9.19 27.55
C GLY A 205 -26.34 -8.16 26.93
N ALA A 206 -25.20 -7.96 27.55
CA ALA A 206 -24.22 -7.00 27.05
C ALA A 206 -22.82 -7.29 27.60
N ALA A 207 -21.81 -6.95 26.83
CA ALA A 207 -20.43 -7.14 27.24
C ALA A 207 -19.78 -5.76 27.26
N LYS A 208 -19.13 -5.43 28.36
CA LYS A 208 -18.44 -4.16 28.51
C LYS A 208 -16.93 -4.33 28.55
N PHE A 209 -16.23 -3.60 27.69
CA PHE A 209 -14.77 -3.69 27.67
C PHE A 209 -14.25 -2.40 28.28
N GLU A 210 -13.87 -2.48 29.55
CA GLU A 210 -13.35 -1.33 30.27
C GLU A 210 -11.84 -1.23 30.09
N GLY A 211 -11.42 -0.23 29.33
CA GLY A 211 -10.00 -0.04 29.08
C GLY A 211 -9.42 1.11 29.87
N GLU A 212 -8.17 1.45 29.60
CA GLU A 212 -7.52 2.54 30.31
C GLU A 212 -7.90 3.87 29.74
N HIS A 213 -8.26 3.89 28.45
CA HIS A 213 -8.64 5.13 27.79
C HIS A 213 -10.14 5.29 27.61
N ALA A 214 -10.77 4.25 27.04
CA ALA A 214 -12.19 4.30 26.78
C ALA A 214 -12.95 3.06 27.26
N ASN A 215 -14.25 3.06 27.03
CA ASN A 215 -15.14 1.94 27.38
C ASN A 215 -15.94 1.57 26.15
N TYR A 216 -16.11 0.28 25.90
CA TYR A 216 -16.89 -0.19 24.77
C TYR A 216 -17.93 -1.17 25.28
N VAL A 217 -19.17 -1.02 24.83
CA VAL A 217 -20.24 -1.91 25.23
C VAL A 217 -20.79 -2.53 23.97
N VAL A 218 -20.74 -3.86 23.89
CA VAL A 218 -21.27 -4.56 22.72
C VAL A 218 -22.40 -5.46 23.16
N ALA A 219 -23.39 -5.60 22.29
CA ALA A 219 -24.55 -6.44 22.57
C ALA A 219 -24.23 -7.93 22.37
N LEU A 220 -24.95 -8.77 23.11
CA LEU A 220 -24.81 -10.21 22.99
C LEU A 220 -25.92 -10.62 22.00
N GLU A 221 -25.68 -11.67 21.23
CA GLU A 221 -26.67 -12.11 20.26
C GLU A 221 -27.82 -12.85 20.94
N ALA A 222 -28.99 -12.80 20.30
CA ALA A 222 -30.19 -13.45 20.83
C ALA A 222 -29.94 -14.90 21.25
N ASP A 223 -29.10 -15.58 20.47
CA ASP A 223 -28.76 -16.99 20.71
C ASP A 223 -28.03 -17.29 22.01
N SER A 224 -27.60 -16.25 22.71
CA SER A 224 -26.86 -16.42 23.95
C SER A 224 -27.70 -17.16 24.98
N THR A 225 -27.04 -17.89 25.87
CA THR A 225 -27.72 -18.63 26.91
C THR A 225 -26.96 -18.51 28.22
N HIS A 226 -27.63 -18.74 29.33
CA HIS A 226 -27.01 -18.65 30.64
C HIS A 226 -28.00 -19.03 31.73
N ASP A 227 -27.51 -19.11 32.96
CA ASP A 227 -28.37 -19.45 34.09
C ASP A 227 -28.27 -18.40 35.18
N PHE A 228 -28.02 -17.16 34.79
CA PHE A 228 -27.93 -16.09 35.77
C PHE A 228 -29.35 -15.66 36.13
N MET B 1 24.48 9.42 -22.90
CA MET B 1 24.13 10.36 -21.80
C MET B 1 23.83 9.58 -20.53
N LYS B 2 24.05 10.22 -19.40
CA LYS B 2 23.80 9.60 -18.11
C LYS B 2 22.96 10.56 -17.29
N LEU B 3 21.81 10.09 -16.83
CA LEU B 3 20.91 10.90 -16.03
C LEU B 3 21.12 10.66 -14.54
N SER B 4 21.53 11.69 -13.82
CA SER B 4 21.74 11.59 -12.39
C SER B 4 20.38 11.50 -11.69
N LYS B 5 20.40 11.23 -10.40
CA LYS B 5 19.18 11.10 -9.62
C LYS B 5 18.34 12.37 -9.56
N ASP B 6 18.99 13.53 -9.61
CA ASP B 6 18.27 14.81 -9.55
C ASP B 6 17.55 15.11 -10.85
N THR B 7 18.07 14.59 -11.95
CA THR B 7 17.43 14.83 -13.23
C THR B 7 16.23 13.90 -13.33
N THR B 8 16.38 12.64 -12.93
CA THR B 8 15.26 11.71 -12.99
C THR B 8 14.14 12.14 -12.04
N ALA B 9 14.50 12.80 -10.93
CA ALA B 9 13.50 13.26 -9.97
C ALA B 9 12.66 14.37 -10.59
N LEU B 10 13.31 15.22 -11.37
CA LEU B 10 12.64 16.32 -12.07
C LEU B 10 11.80 15.71 -13.19
N LEU B 11 12.38 14.75 -13.90
CA LEU B 11 11.69 14.07 -15.00
C LEU B 11 10.46 13.33 -14.49
N LYS B 12 10.54 12.82 -13.28
CA LYS B 12 9.42 12.11 -12.70
C LYS B 12 8.28 13.08 -12.40
N ASN B 13 8.64 14.30 -11.99
CA ASN B 13 7.61 15.30 -11.70
C ASN B 13 6.96 15.85 -12.98
N PHE B 14 7.74 16.01 -14.04
CA PHE B 14 7.18 16.48 -15.30
C PHE B 14 6.17 15.43 -15.79
N ALA B 15 6.48 14.16 -15.53
CA ALA B 15 5.59 13.09 -15.95
C ALA B 15 4.19 13.24 -15.34
N THR B 16 4.08 13.85 -14.16
CA THR B 16 2.76 14.04 -13.55
C THR B 16 1.97 15.13 -14.29
N ILE B 17 2.67 15.92 -15.11
CA ILE B 17 2.09 16.99 -15.92
C ILE B 17 1.62 16.45 -17.29
N ASN B 18 2.47 15.66 -17.93
CA ASN B 18 2.22 15.04 -19.24
C ASN B 18 2.91 13.68 -19.18
N SER B 19 2.15 12.60 -19.34
CA SER B 19 2.74 11.27 -19.26
C SER B 19 3.87 11.01 -20.26
N GLY B 20 3.96 11.85 -21.28
CA GLY B 20 5.02 11.69 -22.27
C GLY B 20 5.83 12.95 -22.32
N ILE B 21 7.00 12.87 -22.95
CA ILE B 21 7.86 14.04 -23.06
C ILE B 21 8.69 13.95 -24.32
N MET B 22 9.19 15.10 -24.78
CA MET B 22 10.04 15.15 -25.94
C MET B 22 11.39 15.68 -25.48
N LEU B 23 12.42 14.85 -25.51
CA LEU B 23 13.73 15.29 -25.08
C LEU B 23 14.51 15.84 -26.27
N LYS B 24 15.29 16.88 -26.05
CA LYS B 24 16.07 17.44 -27.12
C LYS B 24 17.48 17.74 -26.67
N SER B 25 18.43 17.54 -27.58
CA SER B 25 19.83 17.76 -27.33
C SER B 25 20.06 19.06 -26.58
N GLY B 26 20.86 19.01 -25.51
CA GLY B 26 21.14 20.21 -24.73
C GLY B 26 21.13 19.96 -23.23
N GLN B 27 20.94 21.02 -22.46
CA GLN B 27 20.90 20.91 -21.00
C GLN B 27 19.63 21.57 -20.52
N PHE B 28 18.53 21.29 -21.22
CA PHE B 28 17.25 21.89 -20.88
C PHE B 28 16.08 20.95 -21.21
N ILE B 29 15.13 20.87 -20.30
CA ILE B 29 13.94 20.06 -20.52
C ILE B 29 12.71 20.96 -20.31
N MET B 30 11.59 20.55 -20.87
CA MET B 30 10.37 21.32 -20.75
C MET B 30 9.22 20.40 -21.11
N THR B 31 8.00 20.81 -20.76
CA THR B 31 6.84 20.00 -21.07
C THR B 31 5.55 20.78 -20.80
N ARG B 32 4.44 20.33 -21.37
CA ARG B 32 3.17 20.99 -21.17
C ARG B 32 2.08 19.93 -21.16
N ALA B 33 1.04 20.15 -20.36
CA ALA B 33 -0.07 19.20 -20.26
C ALA B 33 -0.79 19.04 -21.60
N VAL B 34 -1.33 17.85 -21.82
CA VAL B 34 -2.06 17.55 -23.04
C VAL B 34 -3.15 18.59 -23.34
N ASN B 35 -3.75 19.18 -22.30
CA ASN B 35 -4.79 20.18 -22.52
C ASN B 35 -4.23 21.61 -22.50
N GLY B 36 -2.90 21.71 -22.51
CA GLY B 36 -2.22 23.00 -22.53
C GLY B 36 -2.38 23.99 -21.39
N THR B 37 -2.81 23.52 -20.21
CA THR B 37 -3.02 24.44 -19.08
C THR B 37 -1.81 24.78 -18.21
N THR B 38 -0.84 23.87 -18.14
CA THR B 38 0.35 24.09 -17.33
C THR B 38 1.62 23.83 -18.12
N TYR B 39 2.62 24.68 -17.89
CA TYR B 39 3.91 24.58 -18.56
C TYR B 39 5.02 24.50 -17.51
N ALA B 40 6.04 23.68 -17.78
CA ALA B 40 7.16 23.52 -16.86
C ALA B 40 8.47 23.39 -17.64
N GLU B 41 9.55 23.89 -17.06
CA GLU B 41 10.88 23.83 -17.66
C GLU B 41 11.94 23.84 -16.57
N ALA B 42 13.16 23.46 -16.93
CA ALA B 42 14.26 23.44 -15.98
C ALA B 42 15.62 23.18 -16.62
N ASN B 43 16.66 23.75 -15.99
CA ASN B 43 18.03 23.56 -16.44
C ASN B 43 18.48 22.32 -15.69
N ILE B 44 19.10 21.39 -16.39
CA ILE B 44 19.57 20.17 -15.74
C ILE B 44 21.09 20.17 -15.78
N SER B 45 21.71 19.39 -14.91
CA SER B 45 23.17 19.31 -14.83
C SER B 45 23.78 18.17 -15.66
N ASP B 46 22.95 17.52 -16.47
CA ASP B 46 23.41 16.44 -17.33
C ASP B 46 23.24 16.91 -18.76
N VAL B 47 23.89 16.24 -19.71
CA VAL B 47 23.73 16.65 -21.09
C VAL B 47 22.96 15.58 -21.84
N ILE B 48 21.89 16.01 -22.50
CA ILE B 48 21.05 15.14 -23.31
C ILE B 48 21.73 15.24 -24.67
N ASP B 49 22.41 14.18 -25.09
CA ASP B 49 23.11 14.25 -26.37
C ASP B 49 22.33 13.84 -27.62
N PHE B 50 21.02 13.74 -27.54
CA PHE B 50 20.23 13.39 -28.73
C PHE B 50 18.71 13.50 -28.56
N ASP B 51 18.05 13.84 -29.65
CA ASP B 51 16.60 14.01 -29.69
C ASP B 51 15.86 12.68 -29.64
N VAL B 52 14.82 12.63 -28.81
CA VAL B 52 14.02 11.43 -28.71
C VAL B 52 12.70 11.74 -28.00
N ALA B 53 11.63 11.14 -28.50
CA ALA B 53 10.32 11.35 -27.92
C ALA B 53 10.03 10.13 -27.10
N ILE B 54 9.56 10.33 -25.86
CA ILE B 54 9.25 9.23 -24.98
C ILE B 54 7.76 9.21 -24.69
N TYR B 55 7.09 8.14 -25.10
CA TYR B 55 5.65 8.01 -24.92
C TYR B 55 5.21 7.70 -23.48
N ASP B 56 6.01 6.93 -22.73
CA ASP B 56 5.66 6.60 -21.36
C ASP B 56 6.83 6.93 -20.44
N LEU B 57 6.94 8.20 -20.07
CA LEU B 57 8.03 8.65 -19.23
C LEU B 57 8.15 7.88 -17.92
N ASN B 58 7.05 7.75 -17.18
CA ASN B 58 7.06 7.01 -15.93
C ASN B 58 7.64 5.61 -16.11
N GLY B 59 7.18 4.90 -17.14
CA GLY B 59 7.70 3.56 -17.39
C GLY B 59 9.21 3.59 -17.58
N PHE B 60 9.66 4.52 -18.43
CA PHE B 60 11.06 4.71 -18.74
C PHE B 60 11.85 4.97 -17.45
N LEU B 61 11.41 5.93 -16.65
CA LEU B 61 12.11 6.22 -15.40
C LEU B 61 12.13 5.02 -14.47
N GLY B 62 11.06 4.23 -14.49
CA GLY B 62 11.03 3.03 -13.66
C GLY B 62 12.15 2.11 -14.12
N ILE B 63 12.24 1.90 -15.42
CA ILE B 63 13.29 1.04 -15.95
C ILE B 63 14.67 1.54 -15.53
N LEU B 64 14.91 2.85 -15.66
CA LEU B 64 16.21 3.43 -15.28
C LEU B 64 16.57 3.19 -13.82
N SER B 65 15.57 2.95 -12.98
CA SER B 65 15.84 2.71 -11.57
C SER B 65 16.23 1.26 -11.27
N LEU B 66 16.41 0.45 -12.30
CA LEU B 66 16.79 -0.95 -12.10
C LEU B 66 18.23 -1.23 -12.54
N VAL B 67 18.89 -0.19 -13.06
CA VAL B 67 20.28 -0.32 -13.50
C VAL B 67 21.13 0.64 -12.66
N ASN B 68 22.44 0.50 -12.74
CA ASN B 68 23.35 1.36 -11.97
C ASN B 68 23.34 2.78 -12.53
N ASP B 69 23.53 3.77 -11.67
CA ASP B 69 23.51 5.16 -12.10
C ASP B 69 24.54 5.47 -13.17
N ASP B 70 25.57 4.63 -13.27
CA ASP B 70 26.63 4.82 -14.27
C ASP B 70 26.15 4.35 -15.65
N ALA B 71 24.86 4.05 -15.75
CA ALA B 71 24.26 3.56 -16.99
C ALA B 71 24.33 4.52 -18.16
N GLU B 72 24.72 3.98 -19.31
CA GLU B 72 24.87 4.73 -20.55
C GLU B 72 23.56 4.62 -21.35
N ILE B 73 22.89 5.74 -21.58
CA ILE B 73 21.64 5.75 -22.36
C ILE B 73 21.96 6.23 -23.79
N SER B 74 21.84 5.35 -24.77
CA SER B 74 22.16 5.77 -26.14
C SER B 74 21.09 5.52 -27.19
N GLN B 75 21.32 6.10 -28.36
CA GLN B 75 20.42 5.95 -29.49
C GLN B 75 20.64 4.53 -29.99
N SER B 76 19.55 3.75 -30.03
CA SER B 76 19.66 2.37 -30.47
C SER B 76 20.00 2.32 -31.95
N GLU B 77 20.57 1.19 -32.37
CA GLU B 77 20.96 1.00 -33.76
C GLU B 77 19.79 1.31 -34.68
N ASP B 78 18.57 1.07 -34.18
CA ASP B 78 17.36 1.30 -34.97
C ASP B 78 16.45 2.45 -34.54
N GLY B 79 17.03 3.48 -33.94
CA GLY B 79 16.23 4.63 -33.55
C GLY B 79 15.73 4.66 -32.11
N ASN B 80 15.57 3.50 -31.49
CA ASN B 80 15.07 3.43 -30.12
C ASN B 80 16.12 3.77 -29.07
N ILE B 81 15.81 3.49 -27.81
CA ILE B 81 16.73 3.79 -26.72
C ILE B 81 17.40 2.55 -26.16
N LYS B 82 18.69 2.67 -25.89
CA LYS B 82 19.47 1.57 -25.35
C LYS B 82 20.07 2.04 -24.05
N ILE B 83 19.80 1.30 -22.98
CA ILE B 83 20.28 1.62 -21.65
C ILE B 83 21.24 0.50 -21.32
N ALA B 84 22.46 0.84 -20.95
CA ALA B 84 23.44 -0.19 -20.66
C ALA B 84 24.36 0.10 -19.48
N ASP B 85 24.65 -0.94 -18.71
CA ASP B 85 25.57 -0.82 -17.60
C ASP B 85 26.50 -2.03 -17.61
N ALA B 86 27.35 -2.13 -16.60
CA ALA B 86 28.32 -3.23 -16.47
C ALA B 86 28.01 -4.54 -17.21
N ARG B 87 26.99 -5.25 -16.74
CA ARG B 87 26.62 -6.55 -17.32
C ARG B 87 25.23 -6.72 -17.93
N SER B 88 24.50 -5.63 -18.15
CA SER B 88 23.16 -5.76 -18.74
C SER B 88 22.75 -4.62 -19.67
N THR B 89 21.89 -4.93 -20.63
CA THR B 89 21.40 -3.97 -21.60
C THR B 89 19.89 -3.99 -21.70
N ILE B 90 19.28 -2.82 -21.69
CA ILE B 90 17.84 -2.69 -21.78
C ILE B 90 17.47 -1.82 -22.97
N PHE B 91 16.46 -2.24 -23.71
CA PHE B 91 16.01 -1.47 -24.86
C PHE B 91 14.61 -0.89 -24.66
N TRP B 92 14.50 0.43 -24.79
CA TRP B 92 13.22 1.11 -24.60
C TRP B 92 12.83 1.84 -25.89
N PRO B 93 11.55 1.75 -26.27
CA PRO B 93 11.04 2.38 -27.48
C PRO B 93 11.04 3.89 -27.54
N ALA B 94 11.40 4.41 -28.72
CA ALA B 94 11.39 5.84 -28.98
C ALA B 94 10.04 6.00 -29.65
N ALA B 95 9.37 7.11 -29.42
CA ALA B 95 8.06 7.29 -30.02
C ALA B 95 8.09 8.30 -31.16
N ASP B 96 7.11 8.18 -32.05
CA ASP B 96 6.99 9.13 -33.15
C ASP B 96 6.48 10.38 -32.46
N PRO B 97 7.14 11.52 -32.67
CA PRO B 97 6.67 12.76 -32.02
C PRO B 97 5.16 12.93 -32.09
N SER B 98 4.55 12.38 -33.14
CA SER B 98 3.10 12.46 -33.35
C SER B 98 2.25 11.98 -32.18
N THR B 99 2.71 10.93 -31.49
CA THR B 99 1.98 10.39 -30.35
C THR B 99 2.29 11.09 -29.02
N VAL B 100 3.04 12.18 -29.08
CA VAL B 100 3.41 12.91 -27.87
C VAL B 100 3.26 14.43 -28.00
N VAL B 101 2.41 15.01 -27.15
CA VAL B 101 2.17 16.45 -27.16
C VAL B 101 3.22 17.19 -26.35
N ALA B 102 4.14 17.86 -27.05
CA ALA B 102 5.20 18.59 -26.36
C ALA B 102 5.13 20.08 -26.67
N PRO B 103 5.73 20.91 -25.80
CA PRO B 103 5.70 22.36 -26.05
C PRO B 103 6.46 22.70 -27.33
N ASN B 104 6.39 23.97 -27.73
CA ASN B 104 7.06 24.41 -28.95
C ASN B 104 8.29 25.27 -28.68
N LYS B 105 8.19 26.17 -27.70
CA LYS B 105 9.30 27.07 -27.41
C LYS B 105 9.01 27.94 -26.18
N PRO B 106 10.05 28.20 -25.37
CA PRO B 106 9.96 29.03 -24.16
C PRO B 106 9.64 30.51 -24.43
N ILE B 107 8.36 30.86 -24.40
CA ILE B 107 7.96 32.25 -24.64
C ILE B 107 8.27 33.03 -23.34
N PRO B 108 9.18 34.01 -23.42
CA PRO B 108 9.58 34.81 -22.26
C PRO B 108 8.41 35.33 -21.41
N PHE B 109 8.47 35.06 -20.11
CA PHE B 109 7.43 35.50 -19.18
C PHE B 109 7.60 37.00 -18.92
N PRO B 110 6.46 37.60 -19.12
CA PRO B 110 6.45 39.06 -19.19
C PRO B 110 6.80 39.70 -17.84
N VAL B 111 7.00 40.98 -17.88
CA VAL B 111 7.22 41.66 -16.62
C VAL B 111 6.07 41.37 -15.64
N ALA B 112 6.40 41.40 -14.45
CA ALA B 112 5.31 40.99 -13.56
C ALA B 112 4.46 42.19 -13.16
N SER B 113 3.23 41.81 -12.93
CA SER B 113 2.41 42.86 -12.32
C SER B 113 2.68 42.93 -10.81
N ALA B 114 2.75 41.76 -10.17
CA ALA B 114 3.00 41.67 -8.73
C ALA B 114 3.89 40.46 -8.48
N VAL B 115 4.61 40.47 -7.36
CA VAL B 115 5.51 39.39 -7.01
C VAL B 115 5.44 39.05 -5.52
N THR B 116 5.57 37.76 -5.19
CA THR B 116 5.55 37.28 -3.81
C THR B 116 6.26 35.94 -3.73
N GLU B 117 6.11 35.25 -2.61
CA GLU B 117 6.75 33.95 -2.45
C GLU B 117 5.88 33.01 -1.62
N ILE B 118 6.13 31.72 -1.74
CA ILE B 118 5.41 30.73 -0.96
C ILE B 118 6.42 29.70 -0.50
N LYS B 119 6.54 29.53 0.80
CA LYS B 119 7.50 28.59 1.36
C LYS B 119 7.05 27.16 1.08
N ALA B 120 7.99 26.22 1.13
CA ALA B 120 7.66 24.81 0.88
C ALA B 120 6.52 24.33 1.79
N GLU B 121 6.64 24.61 3.09
CA GLU B 121 5.65 24.21 4.08
C GLU B 121 4.25 24.68 3.72
N ASP B 122 4.14 25.92 3.24
CA ASP B 122 2.86 26.49 2.86
C ASP B 122 2.29 25.80 1.64
N LEU B 123 3.16 25.57 0.67
CA LEU B 123 2.77 24.93 -0.58
C LEU B 123 2.23 23.53 -0.31
N GLN B 124 2.96 22.78 0.50
CA GLN B 124 2.58 21.43 0.86
C GLN B 124 1.21 21.44 1.51
N GLN B 125 1.02 22.30 2.51
CA GLN B 125 -0.27 22.38 3.16
C GLN B 125 -1.37 22.77 2.16
N LEU B 126 -1.06 23.69 1.26
CA LEU B 126 -2.05 24.12 0.26
C LEU B 126 -2.55 22.90 -0.52
N LEU B 127 -1.64 22.07 -0.97
CA LEU B 127 -1.97 20.87 -1.72
C LEU B 127 -2.68 19.81 -0.88
N ARG B 128 -2.16 19.54 0.32
CA ARG B 128 -2.73 18.55 1.23
C ARG B 128 -4.16 18.88 1.67
N VAL B 129 -4.41 20.15 1.98
CA VAL B 129 -5.73 20.58 2.41
C VAL B 129 -6.70 20.55 1.24
N SER B 130 -6.23 21.00 0.08
CA SER B 130 -7.05 21.02 -1.12
C SER B 130 -7.68 19.66 -1.35
N ARG B 131 -6.95 18.60 -1.07
CA ARG B 131 -7.47 17.25 -1.25
C ARG B 131 -8.51 16.93 -0.18
N GLY B 132 -8.17 17.19 1.08
CA GLY B 132 -9.10 16.91 2.16
C GLY B 132 -10.37 17.73 2.13
N LEU B 133 -10.30 18.93 1.59
CA LEU B 133 -11.45 19.82 1.53
C LEU B 133 -12.10 19.90 0.17
N GLN B 134 -11.53 19.19 -0.81
CA GLN B 134 -12.06 19.21 -2.16
C GLN B 134 -12.11 20.65 -2.71
N ILE B 135 -10.96 21.30 -2.63
CA ILE B 135 -10.81 22.66 -3.12
C ILE B 135 -10.27 22.53 -4.53
N ASP B 136 -11.08 22.91 -5.51
CA ASP B 136 -10.65 22.78 -6.90
C ASP B 136 -10.14 24.08 -7.49
N THR B 137 -10.30 25.17 -6.75
CA THR B 137 -9.86 26.47 -7.24
C THR B 137 -9.39 27.39 -6.10
N ILE B 138 -8.29 28.09 -6.32
CA ILE B 138 -7.76 29.02 -5.33
C ILE B 138 -7.77 30.43 -5.92
N ALA B 139 -7.65 31.43 -5.06
CA ALA B 139 -7.64 32.81 -5.52
C ALA B 139 -6.53 33.56 -4.80
N ILE B 140 -5.66 34.20 -5.58
CA ILE B 140 -4.56 34.97 -5.00
C ILE B 140 -5.04 36.43 -5.00
N THR B 141 -5.07 37.04 -3.83
CA THR B 141 -5.55 38.41 -3.72
C THR B 141 -4.96 39.13 -2.51
N VAL B 142 -5.36 40.39 -2.32
CA VAL B 142 -4.87 41.20 -1.21
C VAL B 142 -5.91 41.35 -0.11
N LYS B 143 -5.51 41.11 1.13
CA LYS B 143 -6.42 41.23 2.26
C LYS B 143 -5.67 41.86 3.42
N GLU B 144 -6.13 43.05 3.83
CA GLU B 144 -5.50 43.78 4.93
C GLU B 144 -4.02 44.01 4.65
N GLY B 145 -3.75 44.59 3.48
CA GLY B 145 -2.37 44.87 3.10
C GLY B 145 -1.52 43.62 2.91
N LYS B 146 -2.17 42.47 2.78
CA LYS B 146 -1.43 41.24 2.61
C LYS B 146 -1.88 40.36 1.44
N ILE B 147 -0.91 39.65 0.85
CA ILE B 147 -1.18 38.74 -0.25
C ILE B 147 -1.69 37.45 0.37
N VAL B 148 -2.83 36.96 -0.09
CA VAL B 148 -3.36 35.72 0.45
C VAL B 148 -4.00 34.83 -0.60
N ILE B 149 -4.02 33.54 -0.30
CA ILE B 149 -4.61 32.55 -1.17
C ILE B 149 -5.82 31.96 -0.46
N ASN B 150 -6.97 32.04 -1.13
CA ASN B 150 -8.21 31.50 -0.62
C ASN B 150 -8.62 30.32 -1.50
N GLY B 151 -9.05 29.23 -0.86
CA GLY B 151 -9.48 28.07 -1.60
C GLY B 151 -10.99 27.92 -1.55
N PHE B 152 -11.56 27.53 -2.68
CA PHE B 152 -13.00 27.34 -2.78
C PHE B 152 -13.34 25.98 -3.41
N ASN B 153 -14.62 25.62 -3.37
CA ASN B 153 -15.12 24.39 -3.98
C ASN B 153 -16.11 24.95 -5.02
N LYS B 154 -15.61 25.21 -6.22
CA LYS B 154 -16.41 25.81 -7.28
C LYS B 154 -17.66 25.05 -7.72
N VAL B 155 -17.68 23.72 -7.59
CA VAL B 155 -18.86 22.98 -8.00
C VAL B 155 -20.00 23.14 -7.00
N GLU B 156 -19.61 23.30 -5.74
CA GLU B 156 -20.53 23.45 -4.63
C GLU B 156 -20.76 24.92 -4.29
N ASP B 157 -20.05 25.82 -4.99
CA ASP B 157 -20.11 27.26 -4.76
C ASP B 157 -19.66 28.03 -6.03
N SER B 158 -20.52 28.06 -7.03
CA SER B 158 -20.25 28.70 -8.32
C SER B 158 -19.73 30.14 -8.28
N ALA B 159 -20.26 30.93 -7.36
CA ALA B 159 -19.86 32.33 -7.29
C ALA B 159 -18.56 32.59 -6.52
N LEU B 160 -17.96 31.53 -5.99
CA LEU B 160 -16.71 31.64 -5.23
C LEU B 160 -16.89 32.62 -4.07
N THR B 161 -17.86 32.34 -3.21
CA THR B 161 -18.15 33.20 -2.08
C THR B 161 -17.74 32.64 -0.72
N ARG B 162 -17.80 31.33 -0.55
CA ARG B 162 -17.44 30.70 0.72
C ARG B 162 -16.02 30.15 0.78
N VAL B 163 -15.12 30.90 1.40
CA VAL B 163 -13.74 30.47 1.53
C VAL B 163 -13.72 29.24 2.44
N LYS B 164 -12.88 28.27 2.09
CA LYS B 164 -12.78 27.03 2.88
C LYS B 164 -11.37 26.90 3.43
N TYR B 165 -10.44 27.60 2.77
CA TYR B 165 -9.04 27.61 3.17
C TYR B 165 -8.44 28.96 2.84
N SER B 166 -7.62 29.47 3.73
CA SER B 166 -6.95 30.74 3.51
C SER B 166 -5.54 30.67 4.05
N LEU B 167 -4.59 31.14 3.25
CA LEU B 167 -3.19 31.13 3.62
C LEU B 167 -2.58 32.51 3.39
N THR B 168 -1.74 32.96 4.31
CA THR B 168 -1.10 34.27 4.18
C THR B 168 0.32 34.10 3.65
N LEU B 169 0.60 34.71 2.51
CA LEU B 169 1.93 34.60 1.92
C LEU B 169 2.85 35.69 2.46
N GLY B 170 2.31 36.90 2.60
CA GLY B 170 3.08 38.01 3.09
C GLY B 170 2.42 39.34 2.74
N ASP B 171 3.00 40.43 3.24
CA ASP B 171 2.45 41.76 2.98
C ASP B 171 2.67 42.23 1.54
N TYR B 172 1.68 42.94 1.01
CA TYR B 172 1.76 43.47 -0.35
C TYR B 172 2.28 44.90 -0.30
N ASP B 173 3.57 45.07 -0.55
CA ASP B 173 4.21 46.38 -0.54
C ASP B 173 3.73 47.25 -1.71
N GLY B 174 2.89 46.67 -2.56
CA GLY B 174 2.37 47.40 -3.71
C GLY B 174 1.11 48.16 -3.35
N GLU B 175 0.32 48.53 -4.36
CA GLU B 175 -0.91 49.27 -4.13
C GLU B 175 -1.98 49.04 -5.21
N ASN B 176 -1.95 47.85 -5.81
CA ASN B 176 -2.93 47.49 -6.83
C ASN B 176 -3.94 46.47 -6.30
N THR B 177 -5.07 46.34 -6.99
CA THR B 177 -6.13 45.42 -6.60
C THR B 177 -6.24 44.26 -7.59
N PHE B 178 -6.24 43.04 -7.08
CA PHE B 178 -6.36 41.87 -7.94
C PHE B 178 -6.95 40.63 -7.26
N ASN B 179 -7.59 39.79 -8.07
CA ASN B 179 -8.18 38.54 -7.61
C ASN B 179 -7.87 37.54 -8.72
N PHE B 180 -6.65 37.00 -8.68
CA PHE B 180 -6.18 36.03 -9.68
C PHE B 180 -6.61 34.62 -9.34
N ILE B 181 -7.43 34.03 -10.20
CA ILE B 181 -7.95 32.69 -9.98
C ILE B 181 -7.20 31.58 -10.71
N ILE B 182 -6.82 30.56 -9.95
CA ILE B 182 -6.11 29.42 -10.50
C ILE B 182 -6.84 28.10 -10.23
N ASN B 183 -6.85 27.23 -11.22
CA ASN B 183 -7.49 25.93 -11.10
C ASN B 183 -6.49 24.98 -10.44
N MET B 184 -6.84 24.46 -9.27
CA MET B 184 -5.96 23.55 -8.53
C MET B 184 -5.32 22.44 -9.33
N ALA B 185 -6.06 21.91 -10.30
CA ALA B 185 -5.58 20.82 -11.15
C ALA B 185 -4.32 21.20 -11.91
N ASN B 186 -4.00 22.50 -11.93
CA ASN B 186 -2.81 22.96 -12.63
C ASN B 186 -1.62 23.20 -11.71
N MET B 187 -1.80 22.98 -10.41
CA MET B 187 -0.72 23.18 -9.45
C MET B 187 0.13 21.91 -9.35
N LYS B 188 1.02 21.73 -10.34
CA LYS B 188 1.87 20.53 -10.40
C LYS B 188 3.32 20.67 -9.94
N MET B 189 3.73 21.85 -9.52
CA MET B 189 5.12 22.02 -9.09
C MET B 189 5.59 21.01 -8.05
N GLN B 190 6.81 20.52 -8.21
CA GLN B 190 7.33 19.56 -7.24
C GLN B 190 7.50 20.35 -5.97
N PRO B 191 7.56 19.68 -4.82
CA PRO B 191 7.73 20.40 -3.55
C PRO B 191 9.03 21.21 -3.39
N GLY B 192 8.90 22.35 -2.72
CA GLY B 192 10.03 23.25 -2.46
C GLY B 192 9.55 24.69 -2.35
N ASN B 193 10.47 25.62 -2.12
CA ASN B 193 10.15 27.05 -2.01
C ASN B 193 10.05 27.62 -3.43
N TYR B 194 9.18 28.61 -3.61
CA TYR B 194 8.98 29.25 -4.90
C TYR B 194 8.77 30.74 -4.84
N LYS B 195 9.25 31.44 -5.86
CA LYS B 195 9.07 32.87 -5.98
C LYS B 195 7.87 32.94 -6.88
N LEU B 196 6.81 33.60 -6.42
CA LEU B 196 5.61 33.71 -7.21
C LEU B 196 5.56 35.01 -8.02
N LEU B 197 5.52 34.87 -9.33
CA LEU B 197 5.47 36.01 -10.23
C LEU B 197 4.11 36.01 -10.91
N LEU B 198 3.27 36.99 -10.56
CA LEU B 198 1.94 37.10 -11.14
C LEU B 198 1.94 38.23 -12.17
N TRP B 199 1.31 37.99 -13.32
CA TRP B 199 1.24 38.98 -14.39
C TRP B 199 -0.13 39.05 -15.07
N ALA B 200 -0.61 40.25 -15.35
CA ALA B 200 -1.92 40.42 -16.01
C ALA B 200 -2.06 41.66 -16.91
N LYS B 201 -2.66 41.46 -18.08
CA LYS B 201 -2.92 42.55 -19.03
C LYS B 201 -4.28 42.32 -19.68
N GLY B 202 -5.24 43.19 -19.35
CA GLY B 202 -6.57 43.06 -19.89
C GLY B 202 -7.16 41.74 -19.44
N LYS B 203 -7.54 40.90 -20.39
CA LYS B 203 -8.11 39.60 -20.07
C LYS B 203 -7.02 38.52 -20.08
N GLN B 204 -5.77 38.95 -20.19
CA GLN B 204 -4.62 38.04 -20.20
C GLN B 204 -4.05 37.93 -18.80
N GLY B 205 -3.59 36.74 -18.44
CA GLY B 205 -3.01 36.53 -17.13
C GLY B 205 -2.32 35.18 -16.98
N ALA B 206 -1.32 35.13 -16.10
CA ALA B 206 -0.59 33.90 -15.87
C ALA B 206 0.23 34.01 -14.61
N ALA B 207 0.59 32.87 -14.03
CA ALA B 207 1.39 32.87 -12.82
C ALA B 207 2.58 31.98 -13.06
N LYS B 208 3.77 32.49 -12.72
CA LYS B 208 4.99 31.72 -12.89
C LYS B 208 5.61 31.41 -11.55
N PHE B 209 5.68 30.13 -11.23
CA PHE B 209 6.28 29.72 -9.98
C PHE B 209 7.75 29.45 -10.31
N GLU B 210 8.61 30.25 -9.69
CA GLU B 210 10.04 30.16 -9.91
C GLU B 210 10.70 29.44 -8.74
N GLY B 211 11.15 28.21 -8.99
CA GLY B 211 11.79 27.41 -7.96
C GLY B 211 13.27 27.32 -8.25
N GLU B 212 14.03 26.67 -7.38
CA GLU B 212 15.47 26.56 -7.63
C GLU B 212 15.79 25.50 -8.67
N HIS B 213 15.00 24.42 -8.71
CA HIS B 213 15.22 23.36 -9.68
C HIS B 213 14.54 23.67 -11.01
N ALA B 214 13.26 24.04 -10.94
CA ALA B 214 12.49 24.31 -12.15
C ALA B 214 11.53 25.47 -12.00
N ASN B 215 10.86 25.78 -13.11
CA ASN B 215 9.88 26.87 -13.16
C ASN B 215 8.57 26.37 -13.76
N TYR B 216 7.46 26.84 -13.20
CA TYR B 216 6.15 26.43 -13.68
C TYR B 216 5.31 27.64 -14.06
N VAL B 217 4.62 27.55 -15.18
CA VAL B 217 3.76 28.63 -15.62
C VAL B 217 2.34 28.08 -15.71
N VAL B 218 1.40 28.78 -15.12
CA VAL B 218 -0.01 28.36 -15.17
C VAL B 218 -0.82 29.59 -15.53
N ALA B 219 -1.84 29.40 -16.37
CA ALA B 219 -2.69 30.52 -16.77
C ALA B 219 -3.74 30.82 -15.72
N LEU B 220 -4.29 32.01 -15.75
CA LEU B 220 -5.31 32.39 -14.80
C LEU B 220 -6.64 32.11 -15.45
N GLU B 221 -7.67 31.86 -14.65
CA GLU B 221 -8.99 31.57 -15.21
C GLU B 221 -9.63 32.87 -15.64
N ALA B 222 -10.55 32.79 -16.59
CA ALA B 222 -11.24 33.95 -17.12
C ALA B 222 -11.83 34.89 -16.06
N ASP B 223 -12.40 34.32 -15.00
CA ASP B 223 -13.02 35.11 -13.94
C ASP B 223 -12.11 35.96 -13.06
N SER B 224 -10.81 35.93 -13.35
CA SER B 224 -9.86 36.73 -12.58
C SER B 224 -10.14 38.22 -12.81
N THR B 225 -9.72 39.06 -11.87
CA THR B 225 -9.92 40.51 -11.98
C THR B 225 -8.69 41.26 -11.46
N HIS B 226 -8.43 42.44 -12.03
CA HIS B 226 -7.29 43.25 -11.62
C HIS B 226 -7.33 44.67 -12.21
N ASP B 227 -6.57 45.57 -11.60
CA ASP B 227 -6.48 46.94 -12.08
C ASP B 227 -5.04 47.27 -12.50
N PHE B 228 -4.29 46.25 -12.89
CA PHE B 228 -2.90 46.45 -13.33
C PHE B 228 -2.92 46.99 -14.76
N MET C 1 5.19 -30.39 15.94
CA MET C 1 6.40 -29.80 15.29
C MET C 1 6.37 -28.29 15.39
N LYS C 2 7.55 -27.68 15.33
CA LYS C 2 7.64 -26.24 15.37
C LYS C 2 8.34 -25.78 14.09
N LEU C 3 7.75 -24.80 13.40
CA LEU C 3 8.32 -24.30 12.18
C LEU C 3 8.93 -22.94 12.45
N SER C 4 10.17 -22.74 12.02
CA SER C 4 10.85 -21.47 12.24
C SER C 4 10.58 -20.48 11.12
N LYS C 5 10.89 -19.23 11.39
CA LYS C 5 10.71 -18.14 10.44
C LYS C 5 11.34 -18.48 9.09
N ASP C 6 12.48 -19.18 9.13
CA ASP C 6 13.19 -19.56 7.91
C ASP C 6 12.44 -20.61 7.10
N THR C 7 11.81 -21.56 7.79
CA THR C 7 11.06 -22.60 7.10
C THR C 7 9.74 -22.07 6.52
N THR C 8 9.01 -21.24 7.28
CA THR C 8 7.75 -20.74 6.75
C THR C 8 8.00 -19.82 5.55
N ALA C 9 9.15 -19.16 5.51
CA ALA C 9 9.48 -18.28 4.38
C ALA C 9 9.60 -19.15 3.12
N LEU C 10 10.25 -20.32 3.24
CA LEU C 10 10.40 -21.24 2.12
C LEU C 10 9.04 -21.78 1.70
N LEU C 11 8.24 -22.22 2.66
CA LEU C 11 6.92 -22.75 2.34
C LEU C 11 6.09 -21.65 1.62
N LYS C 12 6.32 -20.39 1.98
CA LYS C 12 5.60 -19.29 1.36
C LYS C 12 6.04 -19.13 -0.09
N ASN C 13 7.32 -19.42 -0.37
CA ASN C 13 7.83 -19.35 -1.73
C ASN C 13 7.25 -20.54 -2.51
N PHE C 14 7.17 -21.69 -1.84
CA PHE C 14 6.62 -22.88 -2.50
C PHE C 14 5.15 -22.70 -2.82
N ALA C 15 4.44 -21.94 -2.00
CA ALA C 15 3.02 -21.70 -2.25
C ALA C 15 2.84 -20.93 -3.56
N THR C 16 3.86 -20.18 -4.00
CA THR C 16 3.70 -19.46 -5.27
C THR C 16 3.87 -20.44 -6.43
N ILE C 17 4.46 -21.60 -6.15
CA ILE C 17 4.61 -22.62 -7.19
C ILE C 17 3.34 -23.48 -7.27
N ASN C 18 2.82 -23.87 -6.11
CA ASN C 18 1.61 -24.68 -5.99
C ASN C 18 0.94 -24.12 -4.74
N SER C 19 -0.36 -23.89 -4.81
CA SER C 19 -1.09 -23.33 -3.70
C SER C 19 -1.30 -24.35 -2.57
N GLY C 20 -1.05 -25.61 -2.87
CA GLY C 20 -1.21 -26.65 -1.87
C GLY C 20 0.10 -27.40 -1.75
N ILE C 21 0.27 -28.17 -0.69
CA ILE C 21 1.51 -28.91 -0.54
C ILE C 21 1.28 -30.20 0.25
N MET C 22 2.22 -31.13 0.12
CA MET C 22 2.17 -32.40 0.82
C MET C 22 3.43 -32.49 1.68
N LEU C 23 3.25 -32.43 3.00
CA LEU C 23 4.37 -32.52 3.92
C LEU C 23 4.62 -33.96 4.38
N LYS C 24 5.88 -34.39 4.38
CA LYS C 24 6.19 -35.73 4.85
C LYS C 24 7.20 -35.64 6.00
N SER C 25 6.97 -36.46 7.04
CA SER C 25 7.85 -36.46 8.21
C SER C 25 9.31 -36.56 7.79
N GLY C 26 10.13 -35.67 8.35
CA GLY C 26 11.54 -35.64 8.03
C GLY C 26 11.97 -34.19 7.94
N GLN C 27 13.04 -33.92 7.20
CA GLN C 27 13.52 -32.56 7.09
C GLN C 27 13.66 -32.17 5.63
N PHE C 28 12.75 -32.67 4.83
CA PHE C 28 12.79 -32.40 3.41
C PHE C 28 11.42 -31.98 2.88
N ILE C 29 11.40 -30.90 2.09
CA ILE C 29 10.16 -30.45 1.48
C ILE C 29 10.40 -30.34 -0.03
N MET C 30 9.36 -30.61 -0.82
CA MET C 30 9.43 -30.50 -2.27
C MET C 30 8.01 -30.28 -2.78
N THR C 31 7.88 -29.64 -3.93
CA THR C 31 6.57 -29.34 -4.49
C THR C 31 6.72 -29.23 -6.00
N ARG C 32 5.60 -29.28 -6.72
CA ARG C 32 5.66 -29.15 -8.17
C ARG C 32 4.45 -28.39 -8.66
N ALA C 33 4.61 -27.63 -9.72
CA ALA C 33 3.48 -26.88 -10.26
C ALA C 33 2.42 -27.87 -10.72
N VAL C 34 1.15 -27.52 -10.58
CA VAL C 34 0.07 -28.40 -11.03
C VAL C 34 0.25 -28.80 -12.50
N ASN C 35 0.79 -27.90 -13.31
CA ASN C 35 1.02 -28.22 -14.71
C ASN C 35 2.36 -28.91 -14.95
N GLY C 36 3.10 -29.15 -13.87
CA GLY C 36 4.39 -29.83 -13.99
C GLY C 36 5.54 -29.12 -14.69
N THR C 37 5.50 -27.79 -14.77
CA THR C 37 6.56 -27.07 -15.45
C THR C 37 7.74 -26.68 -14.55
N THR C 38 7.48 -26.56 -13.25
CA THR C 38 8.50 -26.20 -12.29
C THR C 38 8.50 -27.11 -11.06
N TYR C 39 9.69 -27.48 -10.60
CA TYR C 39 9.83 -28.33 -9.42
C TYR C 39 10.69 -27.59 -8.41
N ALA C 40 10.53 -27.91 -7.13
CA ALA C 40 11.33 -27.26 -6.08
C ALA C 40 11.50 -28.17 -4.88
N GLU C 41 12.66 -28.09 -4.26
CA GLU C 41 12.95 -28.93 -3.11
C GLU C 41 13.85 -28.17 -2.15
N ALA C 42 13.81 -28.54 -0.89
CA ALA C 42 14.64 -27.89 0.10
C ALA C 42 14.82 -28.76 1.29
N ASN C 43 16.01 -28.67 1.88
CA ASN C 43 16.33 -29.38 3.11
C ASN C 43 16.00 -28.31 4.13
N ILE C 44 15.36 -28.68 5.24
CA ILE C 44 15.05 -27.69 6.25
C ILE C 44 15.64 -28.06 7.59
N SER C 45 15.89 -27.06 8.43
CA SER C 45 16.46 -27.30 9.75
C SER C 45 15.42 -27.88 10.72
N ASP C 46 14.16 -27.50 10.55
CA ASP C 46 13.10 -28.04 11.41
C ASP C 46 12.73 -29.45 10.98
N VAL C 47 12.10 -30.21 11.88
CA VAL C 47 11.68 -31.57 11.59
C VAL C 47 10.16 -31.65 11.62
N ILE C 48 9.59 -32.28 10.59
CA ILE C 48 8.14 -32.46 10.48
C ILE C 48 7.84 -33.83 11.10
N ASP C 49 7.01 -33.88 12.13
CA ASP C 49 6.73 -35.15 12.78
C ASP C 49 5.50 -35.96 12.35
N PHE C 50 4.71 -35.43 11.43
CA PHE C 50 3.57 -36.20 10.94
C PHE C 50 3.33 -35.85 9.48
N ASP C 51 2.76 -36.78 8.72
CA ASP C 51 2.47 -36.58 7.31
C ASP C 51 1.12 -35.88 7.16
N VAL C 52 1.07 -34.82 6.37
CA VAL C 52 -0.19 -34.08 6.17
C VAL C 52 -0.21 -33.29 4.88
N ALA C 53 -1.36 -33.26 4.22
CA ALA C 53 -1.50 -32.49 2.99
C ALA C 53 -2.23 -31.21 3.35
N ILE C 54 -1.82 -30.10 2.74
CA ILE C 54 -2.43 -28.81 3.00
C ILE C 54 -2.91 -28.21 1.66
N TYR C 55 -4.22 -28.09 1.52
CA TYR C 55 -4.85 -27.55 0.31
C TYR C 55 -4.53 -26.07 0.07
N ASP C 56 -4.55 -25.27 1.13
CA ASP C 56 -4.27 -23.84 1.02
C ASP C 56 -3.07 -23.45 1.89
N LEU C 57 -1.87 -23.73 1.39
CA LEU C 57 -0.62 -23.42 2.08
C LEU C 57 -0.53 -21.97 2.56
N ASN C 58 -0.81 -21.02 1.67
CA ASN C 58 -0.75 -19.61 2.04
C ASN C 58 -1.64 -19.29 3.25
N GLY C 59 -2.91 -19.68 3.17
CA GLY C 59 -3.81 -19.43 4.27
C GLY C 59 -3.20 -20.00 5.55
N PHE C 60 -2.65 -21.21 5.45
CA PHE C 60 -2.04 -21.87 6.59
C PHE C 60 -0.89 -21.01 7.16
N LEU C 61 0.03 -20.57 6.31
CA LEU C 61 1.15 -19.77 6.76
C LEU C 61 0.71 -18.43 7.38
N GLY C 62 -0.41 -17.90 6.92
CA GLY C 62 -0.91 -16.66 7.49
C GLY C 62 -1.35 -16.92 8.92
N ILE C 63 -1.95 -18.08 9.16
CA ILE C 63 -2.40 -18.44 10.50
C ILE C 63 -1.22 -18.72 11.43
N LEU C 64 -0.15 -19.30 10.92
CA LEU C 64 1.03 -19.58 11.76
C LEU C 64 1.73 -18.30 12.15
N SER C 65 1.63 -17.28 11.31
CA SER C 65 2.28 -16.02 11.57
C SER C 65 1.46 -15.19 12.56
N LEU C 66 0.52 -15.84 13.25
CA LEU C 66 -0.33 -15.16 14.21
C LEU C 66 -0.21 -15.77 15.60
N VAL C 67 0.49 -16.90 15.69
CA VAL C 67 0.68 -17.55 16.96
C VAL C 67 2.16 -17.37 17.30
N ASN C 68 2.53 -17.62 18.56
CA ASN C 68 3.93 -17.45 18.97
C ASN C 68 4.87 -18.39 18.23
N ASP C 69 6.16 -18.29 18.58
CA ASP C 69 7.20 -19.12 17.99
C ASP C 69 7.11 -20.55 18.50
N ASP C 70 6.83 -20.67 19.80
CA ASP C 70 6.70 -21.97 20.48
C ASP C 70 5.57 -22.81 19.90
N ALA C 71 4.73 -22.18 19.08
CA ALA C 71 3.59 -22.85 18.47
C ALA C 71 3.87 -24.26 17.99
N GLU C 72 3.18 -25.23 18.59
CA GLU C 72 3.33 -26.63 18.21
C GLU C 72 2.22 -27.00 17.23
N ILE C 73 2.61 -27.46 16.05
CA ILE C 73 1.66 -27.88 15.03
C ILE C 73 1.51 -29.40 15.16
N SER C 74 0.29 -29.88 15.32
CA SER C 74 0.10 -31.32 15.48
C SER C 74 -1.16 -31.90 14.87
N GLN C 75 -1.12 -33.21 14.66
CA GLN C 75 -2.23 -33.97 14.11
C GLN C 75 -3.41 -33.86 15.06
N SER C 76 -4.45 -33.18 14.61
CA SER C 76 -5.66 -32.95 15.38
C SER C 76 -6.39 -34.23 15.77
N GLU C 77 -7.29 -34.12 16.73
CA GLU C 77 -8.06 -35.26 17.19
C GLU C 77 -8.85 -35.86 16.04
N ASP C 78 -9.53 -35.02 15.26
CA ASP C 78 -10.32 -35.51 14.13
C ASP C 78 -9.54 -35.61 12.82
N GLY C 79 -8.23 -35.82 12.93
CA GLY C 79 -7.40 -35.97 11.73
C GLY C 79 -7.04 -34.73 10.94
N ASN C 80 -7.09 -33.56 11.57
CA ASN C 80 -6.72 -32.34 10.87
C ASN C 80 -5.52 -31.72 11.59
N ILE C 81 -5.33 -30.42 11.41
CA ILE C 81 -4.19 -29.78 12.04
C ILE C 81 -4.57 -28.94 13.25
N LYS C 82 -3.75 -29.02 14.28
CA LYS C 82 -3.97 -28.26 15.51
C LYS C 82 -2.73 -27.40 15.74
N ILE C 83 -2.92 -26.10 15.88
CA ILE C 83 -1.82 -25.20 16.12
C ILE C 83 -1.97 -24.72 17.55
N ALA C 84 -1.26 -25.38 18.46
CA ALA C 84 -1.35 -25.05 19.86
C ALA C 84 -0.29 -24.12 20.39
N ASP C 85 -0.77 -23.21 21.22
CA ASP C 85 0.03 -22.22 21.87
C ASP C 85 -0.16 -22.52 23.36
N ALA C 86 0.41 -21.71 24.24
CA ALA C 86 0.27 -21.95 25.67
C ALA C 86 -1.13 -21.60 26.15
N ARG C 87 -1.72 -20.58 25.52
CA ARG C 87 -3.06 -20.12 25.89
C ARG C 87 -4.04 -20.10 24.73
N SER C 88 -3.57 -20.29 23.51
CA SER C 88 -4.49 -20.29 22.39
C SER C 88 -4.40 -21.56 21.56
N THR C 89 -5.41 -21.76 20.72
CA THR C 89 -5.48 -22.93 19.88
C THR C 89 -6.18 -22.56 18.59
N ILE C 90 -5.59 -22.94 17.47
CA ILE C 90 -6.19 -22.66 16.18
C ILE C 90 -6.20 -23.97 15.42
N PHE C 91 -7.36 -24.28 14.82
CA PHE C 91 -7.52 -25.50 14.06
C PHE C 91 -7.47 -25.18 12.57
N TRP C 92 -6.93 -26.12 11.80
CA TRP C 92 -6.84 -25.93 10.37
C TRP C 92 -7.06 -27.26 9.70
N PRO C 93 -7.85 -27.28 8.60
CA PRO C 93 -8.15 -28.50 7.86
C PRO C 93 -6.95 -29.16 7.18
N ALA C 94 -6.90 -30.47 7.29
CA ALA C 94 -5.86 -31.26 6.66
C ALA C 94 -6.63 -31.87 5.49
N ALA C 95 -6.03 -31.84 4.31
CA ALA C 95 -6.71 -32.36 3.12
C ALA C 95 -6.34 -33.79 2.79
N ASP C 96 -7.10 -34.39 1.88
CA ASP C 96 -6.83 -35.76 1.44
C ASP C 96 -5.69 -35.63 0.43
N PRO C 97 -4.63 -36.43 0.59
CA PRO C 97 -3.46 -36.41 -0.29
C PRO C 97 -3.81 -36.42 -1.77
N SER C 98 -4.82 -37.20 -2.13
CA SER C 98 -5.24 -37.32 -3.51
C SER C 98 -5.73 -36.01 -4.13
N THR C 99 -6.10 -35.05 -3.29
CA THR C 99 -6.60 -33.77 -3.80
C THR C 99 -5.49 -32.72 -3.97
N VAL C 100 -4.25 -33.14 -3.79
CA VAL C 100 -3.12 -32.22 -3.90
C VAL C 100 -2.03 -32.79 -4.80
N VAL C 101 -1.80 -32.15 -5.94
CA VAL C 101 -0.78 -32.61 -6.86
C VAL C 101 0.58 -32.43 -6.19
N ALA C 102 1.37 -33.49 -6.17
CA ALA C 102 2.67 -33.43 -5.53
C ALA C 102 3.67 -34.35 -6.21
N PRO C 103 4.97 -34.06 -6.07
CA PRO C 103 5.93 -34.95 -6.72
C PRO C 103 5.94 -36.28 -5.99
N ASN C 104 6.10 -37.36 -6.73
CA ASN C 104 6.12 -38.67 -6.11
C ASN C 104 7.51 -38.91 -5.54
N LYS C 105 8.50 -38.32 -6.20
CA LYS C 105 9.89 -38.46 -5.79
C LYS C 105 10.75 -37.24 -6.17
N PRO C 106 11.90 -37.08 -5.51
CA PRO C 106 12.79 -35.96 -5.80
C PRO C 106 13.34 -36.03 -7.22
N ILE C 107 13.64 -34.87 -7.80
CA ILE C 107 14.19 -34.86 -9.13
C ILE C 107 15.71 -34.73 -9.07
N PRO C 108 16.44 -35.81 -9.36
CA PRO C 108 17.90 -35.70 -9.33
C PRO C 108 18.30 -35.07 -10.66
N PHE C 109 19.43 -34.39 -10.68
CA PHE C 109 19.92 -33.73 -11.88
C PHE C 109 21.35 -34.23 -11.94
N PRO C 110 21.54 -35.53 -12.19
CA PRO C 110 22.86 -36.16 -12.27
C PRO C 110 23.80 -35.62 -13.33
N VAL C 111 23.27 -35.13 -14.43
CA VAL C 111 24.15 -34.64 -15.48
C VAL C 111 23.80 -33.24 -15.97
N ALA C 112 24.82 -32.53 -16.46
CA ALA C 112 24.66 -31.17 -16.96
C ALA C 112 25.35 -31.00 -18.30
N SER C 113 24.84 -30.11 -19.15
CA SER C 113 25.46 -29.86 -20.44
C SER C 113 26.29 -28.61 -20.31
N ALA C 114 25.82 -27.70 -19.48
CA ALA C 114 26.56 -26.46 -19.21
C ALA C 114 26.29 -26.10 -17.76
N VAL C 115 27.27 -25.46 -17.12
CA VAL C 115 27.16 -25.03 -15.73
C VAL C 115 27.59 -23.59 -15.61
N THR C 116 26.73 -22.77 -15.02
CA THR C 116 27.05 -21.36 -14.87
C THR C 116 26.41 -20.87 -13.58
N GLU C 117 26.36 -19.55 -13.38
CA GLU C 117 25.75 -19.02 -12.17
C GLU C 117 25.09 -17.67 -12.41
N ILE C 118 24.15 -17.34 -11.54
CA ILE C 118 23.47 -16.06 -11.60
C ILE C 118 23.43 -15.53 -10.17
N LYS C 119 24.01 -14.34 -10.00
CA LYS C 119 24.11 -13.64 -8.73
C LYS C 119 22.77 -13.02 -8.34
N ALA C 120 22.54 -12.87 -7.03
CA ALA C 120 21.27 -12.32 -6.54
C ALA C 120 20.85 -10.99 -7.13
N GLU C 121 21.79 -10.05 -7.27
CA GLU C 121 21.45 -8.74 -7.81
C GLU C 121 21.02 -8.80 -9.27
N ASP C 122 21.51 -9.80 -9.99
CA ASP C 122 21.20 -9.98 -11.40
C ASP C 122 19.87 -10.71 -11.60
N LEU C 123 19.56 -11.64 -10.70
CA LEU C 123 18.30 -12.37 -10.77
C LEU C 123 17.21 -11.36 -10.46
N GLN C 124 17.47 -10.51 -9.46
CA GLN C 124 16.50 -9.49 -9.07
C GLN C 124 16.25 -8.54 -10.25
N GLN C 125 17.32 -8.11 -10.93
CA GLN C 125 17.15 -7.19 -12.05
C GLN C 125 16.30 -7.86 -13.13
N LEU C 126 16.65 -9.09 -13.45
CA LEU C 126 15.93 -9.87 -14.45
C LEU C 126 14.44 -9.84 -14.19
N LEU C 127 14.02 -10.28 -13.01
CA LEU C 127 12.61 -10.31 -12.64
C LEU C 127 11.89 -8.98 -12.74
N ARG C 128 12.49 -7.92 -12.21
CA ARG C 128 11.91 -6.58 -12.24
C ARG C 128 11.80 -5.98 -13.62
N VAL C 129 12.85 -6.13 -14.41
CA VAL C 129 12.86 -5.61 -15.76
C VAL C 129 11.82 -6.35 -16.58
N SER C 130 11.67 -7.65 -16.30
CA SER C 130 10.70 -8.46 -17.01
C SER C 130 9.29 -7.91 -16.85
N ARG C 131 8.92 -7.53 -15.63
CA ARG C 131 7.59 -6.98 -15.37
C ARG C 131 7.46 -5.66 -16.12
N GLY C 132 8.52 -4.86 -16.08
CA GLY C 132 8.51 -3.57 -16.74
C GLY C 132 8.52 -3.61 -18.27
N LEU C 133 9.01 -4.69 -18.86
CA LEU C 133 9.08 -4.80 -20.32
C LEU C 133 8.21 -5.91 -20.88
N GLN C 134 7.22 -6.35 -20.12
CA GLN C 134 6.33 -7.40 -20.59
C GLN C 134 7.14 -8.62 -21.07
N ILE C 135 8.33 -8.81 -20.53
CA ILE C 135 9.17 -9.95 -20.91
C ILE C 135 8.54 -11.19 -20.28
N ASP C 136 8.25 -12.18 -21.10
CA ASP C 136 7.61 -13.38 -20.60
C ASP C 136 8.40 -14.62 -20.99
N THR C 137 9.46 -14.44 -21.74
CA THR C 137 10.26 -15.60 -22.11
C THR C 137 11.72 -15.18 -22.12
N ILE C 138 12.60 -16.05 -21.63
CA ILE C 138 14.03 -15.74 -21.65
C ILE C 138 14.73 -16.82 -22.43
N ALA C 139 15.91 -16.49 -22.94
CA ALA C 139 16.69 -17.45 -23.70
C ALA C 139 18.13 -17.43 -23.24
N ILE C 140 18.65 -18.59 -22.84
CA ILE C 140 20.04 -18.68 -22.40
C ILE C 140 20.84 -19.22 -23.58
N THR C 141 21.80 -18.43 -24.03
CA THR C 141 22.59 -18.81 -25.18
C THR C 141 24.03 -18.30 -25.10
N VAL C 142 24.79 -18.55 -26.15
CA VAL C 142 26.18 -18.10 -26.22
C VAL C 142 26.27 -16.93 -27.20
N LYS C 143 26.93 -15.87 -26.77
CA LYS C 143 27.06 -14.68 -27.59
C LYS C 143 28.47 -14.13 -27.48
N GLU C 144 29.23 -14.25 -28.56
CA GLU C 144 30.60 -13.77 -28.61
C GLU C 144 31.40 -14.26 -27.41
N GLY C 145 31.36 -15.56 -27.18
CA GLY C 145 32.12 -16.16 -26.09
C GLY C 145 31.58 -15.93 -24.69
N LYS C 146 30.32 -15.54 -24.58
CA LYS C 146 29.72 -15.30 -23.26
C LYS C 146 28.33 -15.91 -23.09
N ILE C 147 28.06 -16.41 -21.89
CA ILE C 147 26.75 -16.98 -21.58
C ILE C 147 25.88 -15.79 -21.23
N VAL C 148 24.84 -15.56 -22.03
CA VAL C 148 23.94 -14.45 -21.77
C VAL C 148 22.48 -14.91 -21.71
N ILE C 149 21.63 -14.05 -21.14
CA ILE C 149 20.20 -14.33 -21.06
C ILE C 149 19.51 -13.20 -21.80
N ASN C 150 18.69 -13.54 -22.79
CA ASN C 150 17.97 -12.51 -23.54
C ASN C 150 16.50 -12.59 -23.17
N GLY C 151 15.88 -11.44 -23.05
CA GLY C 151 14.47 -11.42 -22.70
C GLY C 151 13.63 -10.90 -23.86
N PHE C 152 12.47 -11.53 -24.07
CA PHE C 152 11.57 -11.13 -25.14
C PHE C 152 10.13 -11.10 -24.68
N ASN C 153 9.29 -10.45 -25.49
CA ASN C 153 7.86 -10.37 -25.23
C ASN C 153 7.33 -11.27 -26.35
N LYS C 154 6.96 -12.48 -25.98
CA LYS C 154 6.45 -13.48 -26.91
C LYS C 154 5.22 -13.06 -27.71
N VAL C 155 4.25 -12.42 -27.06
CA VAL C 155 3.04 -12.04 -27.78
C VAL C 155 3.28 -11.01 -28.87
N GLU C 156 4.17 -10.05 -28.63
CA GLU C 156 4.46 -9.02 -29.63
C GLU C 156 5.64 -9.41 -30.52
N ASP C 157 6.22 -10.58 -30.29
CA ASP C 157 7.35 -11.05 -31.08
C ASP C 157 7.48 -12.57 -31.03
N SER C 158 6.67 -13.24 -31.85
CA SER C 158 6.63 -14.70 -31.91
C SER C 158 7.92 -15.39 -32.37
N ALA C 159 8.78 -14.67 -33.06
CA ALA C 159 10.02 -15.27 -33.53
C ALA C 159 11.15 -15.17 -32.51
N LEU C 160 10.88 -14.52 -31.37
CA LEU C 160 11.90 -14.32 -30.35
C LEU C 160 13.09 -13.76 -31.12
N THR C 161 12.84 -12.64 -31.78
CA THR C 161 13.83 -11.97 -32.62
C THR C 161 14.22 -10.60 -32.08
N ARG C 162 13.39 -10.05 -31.19
CA ARG C 162 13.68 -8.73 -30.62
C ARG C 162 14.00 -8.81 -29.13
N VAL C 163 15.29 -8.73 -28.80
CA VAL C 163 15.72 -8.77 -27.41
C VAL C 163 15.39 -7.42 -26.77
N LYS C 164 14.73 -7.45 -25.62
CA LYS C 164 14.34 -6.22 -24.94
C LYS C 164 15.24 -5.98 -23.75
N TYR C 165 15.82 -7.07 -23.26
CA TYR C 165 16.72 -7.04 -22.12
C TYR C 165 17.76 -8.14 -22.35
N SER C 166 19.02 -7.85 -22.03
CA SER C 166 20.07 -8.85 -22.18
C SER C 166 20.96 -8.79 -20.95
N LEU C 167 21.34 -9.96 -20.43
CA LEU C 167 22.18 -10.06 -19.24
C LEU C 167 23.35 -11.01 -19.46
N THR C 168 24.57 -10.58 -19.14
CA THR C 168 25.75 -11.42 -19.31
C THR C 168 26.10 -12.08 -17.98
N LEU C 169 26.16 -13.40 -17.98
CA LEU C 169 26.50 -14.14 -16.76
C LEU C 169 28.01 -14.32 -16.62
N GLY C 170 28.68 -14.54 -17.75
CA GLY C 170 30.11 -14.73 -17.75
C GLY C 170 30.53 -15.27 -19.09
N ASP C 171 31.78 -15.70 -19.22
CA ASP C 171 32.24 -16.25 -20.49
C ASP C 171 32.09 -17.77 -20.52
N TYR C 172 31.81 -18.31 -21.70
CA TYR C 172 31.62 -19.74 -21.89
C TYR C 172 32.94 -20.42 -22.19
N ASP C 173 33.22 -21.51 -21.48
CA ASP C 173 34.46 -22.26 -21.65
C ASP C 173 34.19 -23.53 -22.43
N GLY C 174 32.93 -23.73 -22.77
CA GLY C 174 32.54 -24.91 -23.52
C GLY C 174 32.98 -24.84 -24.96
N GLU C 175 32.33 -25.65 -25.79
CA GLU C 175 32.65 -25.70 -27.20
C GLU C 175 31.34 -25.89 -27.94
N ASN C 176 30.26 -25.95 -27.17
CA ASN C 176 28.93 -26.16 -27.73
C ASN C 176 28.21 -24.87 -28.09
N THR C 177 27.00 -25.04 -28.61
CA THR C 177 26.16 -23.94 -29.04
C THR C 177 24.76 -24.28 -28.55
N PHE C 178 24.04 -23.29 -28.04
CA PHE C 178 22.70 -23.55 -27.56
C PHE C 178 21.87 -22.29 -27.36
N ASN C 179 20.58 -22.51 -27.22
CA ASN C 179 19.62 -21.45 -27.03
C ASN C 179 18.48 -22.05 -26.23
N PHE C 180 18.66 -22.10 -24.91
CA PHE C 180 17.67 -22.66 -24.01
C PHE C 180 16.62 -21.61 -23.67
N ILE C 181 15.37 -21.94 -23.97
CA ILE C 181 14.25 -21.05 -23.76
C ILE C 181 13.45 -21.39 -22.50
N ILE C 182 13.11 -20.35 -21.74
CA ILE C 182 12.35 -20.54 -20.49
C ILE C 182 11.19 -19.58 -20.36
N ASN C 183 10.04 -20.12 -19.98
CA ASN C 183 8.86 -19.31 -19.79
C ASN C 183 9.01 -18.58 -18.45
N MET C 184 9.02 -17.26 -18.47
CA MET C 184 9.19 -16.50 -17.23
C MET C 184 8.22 -16.88 -16.13
N ALA C 185 7.02 -17.33 -16.51
CA ALA C 185 6.03 -17.73 -15.53
C ALA C 185 6.55 -18.87 -14.65
N ASN C 186 7.58 -19.57 -15.13
CA ASN C 186 8.17 -20.67 -14.37
C ASN C 186 9.42 -20.27 -13.58
N MET C 187 9.75 -18.98 -13.53
CA MET C 187 10.93 -18.53 -12.78
C MET C 187 10.48 -18.11 -11.38
N LYS C 188 10.14 -19.09 -10.56
CA LYS C 188 9.65 -18.82 -9.20
C LYS C 188 10.66 -18.89 -8.06
N MET C 189 11.95 -18.95 -8.39
CA MET C 189 12.95 -19.06 -7.32
C MET C 189 12.91 -17.84 -6.40
N GLN C 190 13.14 -18.06 -5.12
CA GLN C 190 13.15 -16.94 -4.18
C GLN C 190 14.49 -16.20 -4.39
N PRO C 191 14.60 -14.97 -3.87
CA PRO C 191 15.85 -14.20 -4.04
C PRO C 191 17.07 -14.87 -3.43
N GLY C 192 18.23 -14.66 -4.06
CA GLY C 192 19.47 -15.27 -3.62
C GLY C 192 20.36 -15.62 -4.80
N ASN C 193 21.53 -16.19 -4.51
CA ASN C 193 22.48 -16.59 -5.55
C ASN C 193 22.14 -17.98 -6.01
N TYR C 194 22.46 -18.31 -7.25
CA TYR C 194 22.17 -19.65 -7.77
C TYR C 194 23.22 -20.20 -8.71
N LYS C 195 23.50 -21.48 -8.57
CA LYS C 195 24.40 -22.17 -9.46
C LYS C 195 23.40 -22.54 -10.56
N LEU C 196 23.77 -22.41 -11.81
CA LEU C 196 22.85 -22.76 -12.88
C LEU C 196 23.35 -23.97 -13.66
N LEU C 197 22.58 -25.06 -13.61
CA LEU C 197 22.91 -26.29 -14.32
C LEU C 197 21.91 -26.49 -15.49
N LEU C 198 22.43 -26.46 -16.71
CA LEU C 198 21.60 -26.61 -17.92
C LEU C 198 21.77 -28.01 -18.53
N TRP C 199 20.65 -28.63 -18.90
CA TRP C 199 20.71 -29.94 -19.50
C TRP C 199 19.77 -30.09 -20.68
N ALA C 200 20.24 -30.75 -21.74
CA ALA C 200 19.43 -31.00 -22.93
C ALA C 200 19.89 -32.25 -23.68
N LYS C 201 18.93 -33.16 -23.92
CA LYS C 201 19.20 -34.38 -24.66
C LYS C 201 18.12 -34.45 -25.73
N GLY C 202 18.53 -34.28 -26.99
CA GLY C 202 17.55 -34.31 -28.06
C GLY C 202 16.47 -33.28 -27.80
N LYS C 203 15.22 -33.68 -27.97
CA LYS C 203 14.09 -32.79 -27.75
C LYS C 203 13.84 -32.62 -26.25
N GLN C 204 14.82 -33.02 -25.44
CA GLN C 204 14.70 -32.91 -23.99
C GLN C 204 15.66 -31.91 -23.37
N GLY C 205 15.22 -31.31 -22.28
CA GLY C 205 16.05 -30.34 -21.59
C GLY C 205 15.39 -29.81 -20.33
N ALA C 206 16.23 -29.37 -19.39
CA ALA C 206 15.74 -28.81 -18.15
C ALA C 206 16.83 -27.95 -17.54
N ALA C 207 16.42 -27.00 -16.70
CA ALA C 207 17.39 -26.14 -16.04
C ALA C 207 17.22 -26.25 -14.53
N LYS C 208 18.33 -26.31 -13.82
CA LYS C 208 18.27 -26.41 -12.37
C LYS C 208 18.96 -25.22 -11.70
N PHE C 209 18.22 -24.53 -10.84
CA PHE C 209 18.76 -23.40 -10.12
C PHE C 209 19.04 -23.91 -8.71
N GLU C 210 20.33 -24.07 -8.41
CA GLU C 210 20.74 -24.57 -7.10
C GLU C 210 21.03 -23.40 -6.15
N GLY C 211 20.21 -23.28 -5.11
CA GLY C 211 20.42 -22.21 -4.13
C GLY C 211 21.11 -22.71 -2.86
N GLU C 212 21.34 -21.82 -1.90
CA GLU C 212 21.97 -22.25 -0.66
C GLU C 212 20.82 -22.51 0.32
N HIS C 213 19.64 -22.80 -0.07
CA HIS C 213 18.70 -23.63 0.65
C HIS C 213 17.64 -24.39 -0.12
N ALA C 214 17.12 -23.99 -1.17
CA ALA C 214 16.21 -24.71 -2.06
C ALA C 214 16.70 -24.72 -3.48
N ASN C 215 16.30 -25.76 -4.21
CA ASN C 215 16.66 -25.90 -5.61
C ASN C 215 15.36 -25.83 -6.44
N TYR C 216 15.50 -25.40 -7.69
CA TYR C 216 14.37 -25.34 -8.58
C TYR C 216 14.75 -26.00 -9.88
N VAL C 217 13.83 -26.77 -10.43
CA VAL C 217 14.06 -27.43 -11.69
C VAL C 217 12.90 -27.03 -12.60
N VAL C 218 13.23 -26.31 -13.66
CA VAL C 218 12.25 -25.85 -14.62
C VAL C 218 12.59 -26.46 -15.97
N ALA C 219 11.58 -26.91 -16.68
CA ALA C 219 11.76 -27.52 -17.99
C ALA C 219 11.98 -26.48 -19.09
N LEU C 220 12.86 -26.77 -20.02
CA LEU C 220 13.10 -25.85 -21.14
C LEU C 220 11.93 -26.00 -22.13
N GLU C 221 11.62 -24.93 -22.86
CA GLU C 221 10.54 -24.98 -23.84
C GLU C 221 10.95 -25.73 -25.10
N ALA C 222 9.95 -26.25 -25.82
CA ALA C 222 10.17 -27.04 -27.05
C ALA C 222 10.97 -26.39 -28.17
N ASP C 223 10.88 -25.07 -28.33
CA ASP C 223 11.62 -24.40 -29.40
C ASP C 223 13.09 -24.13 -29.06
N SER C 224 13.59 -24.76 -27.99
CA SER C 224 14.98 -24.59 -27.59
C SER C 224 15.83 -25.39 -28.59
N THR C 225 17.06 -24.94 -28.82
CA THR C 225 17.95 -25.62 -29.74
C THR C 225 19.33 -25.77 -29.09
N HIS C 226 20.11 -26.74 -29.55
CA HIS C 226 21.44 -26.99 -29.01
C HIS C 226 22.14 -28.02 -29.87
N ASP C 227 23.46 -28.11 -29.74
CA ASP C 227 24.22 -29.09 -30.50
C ASP C 227 24.74 -30.21 -29.58
N PHE C 228 24.20 -30.30 -28.37
CA PHE C 228 24.65 -31.33 -27.43
C PHE C 228 24.28 -32.73 -27.89
#